data_5O05
#
_entry.id   5O05
#
_cell.length_a   87.930
_cell.length_b   105.360
_cell.length_c   107.750
_cell.angle_alpha   90.00
_cell.angle_beta   90.00
_cell.angle_gamma   90.00
#
_symmetry.space_group_name_H-M   'P 21 21 21'
#
loop_
_entity.id
_entity.type
_entity.pdbx_description
1 polymer 'Nanobody (VHH) Nano-42'
2 polymer 'Capsid protein'
3 non-polymer 1,2-ETHANEDIOL
4 water water
#
loop_
_entity_poly.entity_id
_entity_poly.type
_entity_poly.pdbx_seq_one_letter_code
_entity_poly.pdbx_strand_id
1 'polypeptide(L)'
;QVQLQESGGGLVQPGGSLRLSCAASGSVSRTYVMGWYRQTPGNQRELVATITSVGSTNYADSLKGRFTISRENAENTVYL
QMNSLKPEDTAIYYCKYIRYSPIHAPLDYWGQGTQVTVSS
;
C,D
2 'polypeptide(L)'
;SKPFTLPILTLGELTNSRFPLPIDVLYTNPNESAIVQCQNGRCTLDGELQGTTQLLPTGICAFRGKVTQQVQDEHRGTHW
NMTVTNLNGTPFDPTEDVPAPLGTPDFSGQIYGVISQRNTNTVPGEGNLPANRAHEAVIATYSPKFTPKLGNIQFSTWET
QDVSSGQPTKFTPVGLASVDANSHFDQWTLPSYSGALTLNMNLAPSVAPVFPGECLLFFRSFIPLKGGYGNPAIDCLMPQ
EWVQHLYQESAPSLSDVALVRYVNPETGRTLFEAKLHRNGFLTVARNSAGPVVAPTNGYFRFDSWVNQFYTLAPM
;
A,B
#
loop_
_chem_comp.id
_chem_comp.type
_chem_comp.name
_chem_comp.formula
EDO non-polymer 1,2-ETHANEDIOL 'C2 H6 O2'
#
# COMPACT_ATOMS: atom_id res chain seq x y z
N GLN A 1 10.13 38.22 0.33
CA GLN A 1 11.04 38.93 1.21
C GLN A 1 12.50 38.53 0.99
N VAL A 2 12.86 38.37 -0.27
CA VAL A 2 14.25 38.13 -0.65
C VAL A 2 14.82 39.44 -1.20
N GLN A 3 15.92 39.88 -0.62
CA GLN A 3 16.57 41.12 -1.06
C GLN A 3 17.72 40.79 -1.98
N LEU A 4 17.81 41.52 -3.08
CA LEU A 4 18.84 41.28 -4.09
C LEU A 4 19.75 42.50 -4.22
N GLN A 5 21.05 42.30 -4.08
CA GLN A 5 22.00 43.40 -4.26
C GLN A 5 22.78 43.16 -5.55
N GLU A 6 22.64 44.08 -6.49
CA GLU A 6 23.33 43.96 -7.77
C GLU A 6 24.54 44.90 -7.80
N SER A 7 25.49 44.58 -8.68
CA SER A 7 26.68 45.41 -8.89
C SER A 7 27.39 45.03 -10.19
N GLY A 8 28.38 45.83 -10.58
CA GLY A 8 29.16 45.58 -11.79
C GLY A 8 28.65 46.17 -13.10
N GLY A 9 27.74 47.13 -13.02
CA GLY A 9 27.21 47.73 -14.23
C GLY A 9 28.06 48.89 -14.72
N GLY A 10 27.44 49.77 -15.51
CA GLY A 10 28.09 50.97 -16.00
C GLY A 10 28.45 50.95 -17.47
N LEU A 11 29.29 51.92 -17.86
CA LEU A 11 29.70 52.09 -19.25
C LEU A 11 30.88 51.20 -19.62
N VAL A 12 30.83 50.64 -20.83
CA VAL A 12 31.95 49.84 -21.36
C VAL A 12 32.11 50.04 -22.86
N GLN A 13 33.35 50.08 -23.34
CA GLN A 13 33.62 50.19 -24.77
C GLN A 13 33.31 48.86 -25.44
N PRO A 14 32.95 48.90 -26.75
CA PRO A 14 32.69 47.64 -27.48
C PRO A 14 33.90 46.70 -27.46
N GLY A 15 33.61 45.41 -27.28
CA GLY A 15 34.65 44.41 -27.12
C GLY A 15 35.11 44.24 -25.67
N GLY A 16 34.66 45.13 -24.80
CA GLY A 16 35.03 45.05 -23.40
C GLY A 16 34.24 43.99 -22.64
N SER A 17 34.57 43.83 -21.37
CA SER A 17 33.90 42.84 -20.54
C SER A 17 33.56 43.44 -19.18
N LEU A 18 32.51 42.92 -18.58
CA LEU A 18 32.13 43.27 -17.21
C LEU A 18 31.59 42.05 -16.52
N ARG A 19 31.53 42.11 -15.20
CA ARG A 19 31.01 41.00 -14.42
C ARG A 19 29.94 41.53 -13.49
N LEU A 20 28.72 41.03 -13.63
CA LEU A 20 27.65 41.46 -12.73
C LEU A 20 27.59 40.45 -11.61
N SER A 21 27.23 40.93 -10.43
CA SER A 21 27.12 40.08 -9.27
C SER A 21 25.78 40.36 -8.63
N CYS A 22 25.09 39.30 -8.22
CA CYS A 22 23.85 39.48 -7.53
C CYS A 22 23.90 38.62 -6.28
N ALA A 23 23.48 39.20 -5.16
CA ALA A 23 23.52 38.49 -3.90
C ALA A 23 22.16 38.57 -3.25
N ALA A 24 21.75 37.49 -2.61
CA ALA A 24 20.42 37.41 -2.04
C ALA A 24 20.51 37.25 -0.53
N SER A 25 19.57 37.88 0.17
CA SER A 25 19.48 37.80 1.62
C SER A 25 18.02 37.86 2.00
N GLY A 26 17.72 37.76 3.28
CA GLY A 26 16.33 37.71 3.70
C GLY A 26 15.88 36.28 3.60
N SER A 27 14.68 36.07 3.07
CA SER A 27 14.06 34.74 3.06
C SER A 27 14.50 33.83 1.91
N VAL A 28 15.81 33.61 1.80
CA VAL A 28 16.40 32.72 0.79
C VAL A 28 16.02 31.26 1.07
N SER A 29 16.11 30.41 0.05
CA SER A 29 15.76 28.99 0.18
C SER A 29 16.90 28.05 -0.21
N ARG A 30 16.82 26.80 0.27
CA ARG A 30 17.80 25.78 -0.10
C ARG A 30 17.77 25.45 -1.59
N THR A 31 16.57 25.39 -2.15
CA THR A 31 16.40 25.14 -3.56
C THR A 31 15.95 26.42 -4.25
N TYR A 32 16.68 26.82 -5.27
CA TYR A 32 16.42 28.08 -5.94
C TYR A 32 16.94 28.11 -7.36
N VAL A 33 16.48 29.10 -8.11
CA VAL A 33 17.04 29.41 -9.42
C VAL A 33 17.47 30.88 -9.39
N MET A 34 18.65 31.16 -9.92
CA MET A 34 19.15 32.53 -10.02
C MET A 34 19.67 32.80 -11.40
N GLY A 35 19.49 34.03 -11.87
CA GLY A 35 19.94 34.35 -13.20
C GLY A 35 19.73 35.78 -13.63
N TRP A 36 19.91 36.03 -14.92
CA TRP A 36 19.81 37.38 -15.42
C TRP A 36 18.82 37.44 -16.56
N TYR A 37 18.03 38.50 -16.57
CA TYR A 37 17.20 38.85 -17.70
C TYR A 37 17.66 40.21 -18.19
N ARG A 38 17.32 40.54 -19.42
CA ARG A 38 17.61 41.88 -19.93
C ARG A 38 16.45 42.41 -20.74
N GLN A 39 16.33 43.73 -20.79
CA GLN A 39 15.29 44.37 -21.57
C GLN A 39 15.87 45.57 -22.29
N THR A 40 15.57 45.68 -23.58
CA THR A 40 15.94 46.83 -24.38
C THR A 40 14.68 47.64 -24.66
N PRO A 41 14.83 48.93 -25.02
CA PRO A 41 13.63 49.74 -25.29
C PRO A 41 12.75 49.13 -26.37
N GLY A 42 11.46 49.04 -26.08
CA GLY A 42 10.48 48.53 -27.02
C GLY A 42 10.33 47.02 -27.03
N ASN A 43 11.17 46.30 -26.29
CA ASN A 43 11.08 44.84 -26.26
C ASN A 43 10.70 44.23 -24.92
N GLN A 44 10.20 43.00 -24.98
CA GLN A 44 9.84 42.27 -23.78
C GLN A 44 11.11 41.89 -23.04
N ARG A 45 10.98 41.73 -21.73
CA ARG A 45 12.09 41.26 -20.92
C ARG A 45 12.34 39.77 -21.14
N GLU A 46 13.53 39.44 -21.60
CA GLU A 46 13.86 38.09 -22.06
C GLU A 46 15.02 37.47 -21.29
N LEU A 47 14.97 36.15 -21.11
CA LEU A 47 16.02 35.42 -20.41
C LEU A 47 17.38 35.59 -21.07
N VAL A 48 18.40 35.75 -20.22
CA VAL A 48 19.79 35.75 -20.66
C VAL A 48 20.43 34.44 -20.23
N ALA A 49 20.58 34.26 -18.92
CA ALA A 49 21.09 33.01 -18.37
C ALA A 49 20.63 32.80 -16.93
N THR A 50 20.33 31.55 -16.57
CA THR A 50 19.97 31.19 -15.20
C THR A 50 20.73 29.94 -14.76
N ILE A 51 20.80 29.73 -13.46
CA ILE A 51 21.45 28.55 -12.88
C ILE A 51 20.71 28.15 -11.60
N THR A 52 20.57 26.84 -11.36
CA THR A 52 19.88 26.36 -10.15
C THR A 52 20.83 26.16 -8.97
N SER A 53 20.25 25.84 -7.81
CA SER A 53 21.02 25.64 -6.58
C SER A 53 21.98 24.43 -6.65
N VAL A 54 21.79 23.52 -7.59
CA VAL A 54 22.76 22.43 -7.77
C VAL A 54 23.62 22.62 -9.03
N GLY A 55 23.59 23.83 -9.60
CA GLY A 55 24.49 24.22 -10.67
C GLY A 55 24.07 24.02 -12.13
N SER A 56 22.80 23.74 -12.37
CA SER A 56 22.30 23.48 -13.73
C SER A 56 21.95 24.77 -14.47
N THR A 57 22.53 24.93 -15.64
CA THR A 57 22.43 26.21 -16.37
C THR A 57 21.42 26.18 -17.50
N ASN A 58 20.85 27.35 -17.79
CA ASN A 58 20.05 27.54 -18.99
C ASN A 58 20.40 28.91 -19.59
N TYR A 59 20.70 28.92 -20.88
CA TYR A 59 21.17 30.12 -21.58
C TYR A 59 20.21 30.50 -22.70
N ALA A 60 20.08 31.80 -22.93
CA ALA A 60 19.33 32.26 -24.09
C ALA A 60 19.99 31.69 -25.32
N ASP A 61 19.20 31.04 -26.17
CA ASP A 61 19.73 30.36 -27.34
C ASP A 61 20.12 31.38 -28.43
N SER A 62 20.94 32.37 -28.05
CA SER A 62 21.41 33.38 -28.99
C SER A 62 22.74 33.94 -28.50
N LEU A 63 23.00 33.79 -27.21
CA LEU A 63 24.27 34.26 -26.65
C LEU A 63 25.41 33.40 -27.20
N LYS A 64 25.11 32.14 -27.47
CA LYS A 64 26.08 31.21 -28.08
C LYS A 64 27.37 31.12 -27.27
N GLY A 65 27.24 31.05 -25.95
CA GLY A 65 28.38 30.87 -25.08
C GLY A 65 29.19 32.12 -24.80
N ARG A 66 28.76 33.27 -25.32
CA ARG A 66 29.47 34.52 -25.08
C ARG A 66 29.30 34.98 -23.63
N PHE A 67 28.29 34.45 -22.94
CA PHE A 67 28.09 34.79 -21.54
C PHE A 67 28.25 33.52 -20.69
N THR A 68 28.66 33.71 -19.44
CA THR A 68 28.79 32.62 -18.50
C THR A 68 28.20 33.00 -17.15
N ILE A 69 27.40 32.10 -16.57
CA ILE A 69 26.86 32.33 -15.25
C ILE A 69 27.46 31.28 -14.33
N SER A 70 27.72 31.63 -13.07
CA SER A 70 28.26 30.68 -12.10
C SER A 70 28.05 31.16 -10.67
N ARG A 71 28.24 30.27 -9.70
CA ARG A 71 28.06 30.61 -8.29
C ARG A 71 29.40 30.84 -7.60
N ALA A 74 29.85 29.88 -2.18
CA ALA A 74 29.00 31.02 -1.88
C ALA A 74 27.54 30.80 -2.29
N GLU A 75 26.74 30.23 -1.40
CA GLU A 75 25.33 30.02 -1.70
C GLU A 75 24.59 31.34 -1.85
N ASN A 76 23.48 31.32 -2.60
CA ASN A 76 22.62 32.48 -2.82
C ASN A 76 23.34 33.65 -3.49
N THR A 77 24.35 33.32 -4.29
CA THR A 77 25.16 34.31 -5.00
C THR A 77 25.49 33.80 -6.41
N VAL A 78 25.31 34.67 -7.40
CA VAL A 78 25.67 34.34 -8.78
C VAL A 78 26.45 35.46 -9.43
N TYR A 79 27.17 35.11 -10.48
CA TYR A 79 27.98 36.07 -11.22
C TYR A 79 27.69 35.88 -12.70
N LEU A 80 27.49 36.98 -13.41
CA LEU A 80 27.34 36.91 -14.85
C LEU A 80 28.54 37.58 -15.47
N GLN A 81 29.27 36.81 -16.27
CA GLN A 81 30.46 37.31 -16.91
C GLN A 81 30.05 37.77 -18.28
N MET A 82 30.20 39.06 -18.56
CA MET A 82 29.74 39.59 -19.82
C MET A 82 30.92 39.89 -20.71
N ASN A 83 31.03 39.16 -21.82
CA ASN A 83 32.21 39.20 -22.68
C ASN A 83 31.95 39.73 -24.09
N SER A 84 33.00 40.27 -24.72
CA SER A 84 32.97 40.71 -26.12
C SER A 84 31.77 41.58 -26.40
N LEU A 85 31.58 42.60 -25.57
CA LEU A 85 30.29 43.29 -25.55
C LEU A 85 30.06 44.20 -26.75
N LYS A 86 28.79 44.31 -27.14
CA LYS A 86 28.37 45.03 -28.33
C LYS A 86 27.33 46.09 -27.95
N PRO A 87 27.17 47.13 -28.78
CA PRO A 87 26.15 48.14 -28.50
C PRO A 87 24.73 47.55 -28.38
N GLU A 88 24.48 46.43 -29.07
CA GLU A 88 23.19 45.77 -29.00
C GLU A 88 22.96 45.15 -27.61
N ASP A 89 24.03 44.96 -26.85
CA ASP A 89 23.95 44.42 -25.49
C ASP A 89 23.66 45.51 -24.46
N THR A 90 23.59 46.74 -24.93
CA THR A 90 23.18 47.85 -24.09
C THR A 90 21.73 47.57 -23.70
N ALA A 91 21.48 47.52 -22.40
CA ALA A 91 20.17 47.20 -21.87
C ALA A 91 20.18 47.40 -20.38
N ILE A 92 19.02 47.18 -19.78
CA ILE A 92 18.93 47.14 -18.34
C ILE A 92 18.94 45.67 -18.00
N TYR A 93 19.85 45.27 -17.11
CA TYR A 93 20.00 43.87 -16.75
C TYR A 93 19.42 43.65 -15.38
N TYR A 94 18.54 42.66 -15.28
CA TYR A 94 17.84 42.39 -14.04
C TYR A 94 18.28 41.07 -13.44
N CYS A 95 18.59 41.11 -12.15
CA CYS A 95 18.79 39.87 -11.41
C CYS A 95 17.42 39.30 -11.05
N LYS A 96 17.28 37.99 -11.16
CA LYS A 96 16.06 37.27 -10.79
C LYS A 96 16.37 36.13 -9.81
N TYR A 97 15.62 36.05 -8.72
CA TYR A 97 15.72 34.94 -7.78
C TYR A 97 14.38 34.23 -7.66
N ILE A 98 14.38 32.91 -7.85
CA ILE A 98 13.16 32.15 -7.62
C ILE A 98 13.27 31.31 -6.36
N ARG A 99 12.42 31.61 -5.39
CA ARG A 99 12.42 30.94 -4.11
C ARG A 99 11.46 29.76 -4.15
N TYR A 100 11.98 28.54 -3.97
CA TYR A 100 11.18 27.32 -3.99
C TYR A 100 11.07 26.72 -2.60
N SER A 101 9.92 26.13 -2.31
CA SER A 101 9.68 25.56 -0.98
C SER A 101 8.79 24.33 -1.06
N PRO A 102 8.92 23.43 -0.07
CA PRO A 102 7.98 22.31 0.02
C PRO A 102 6.60 22.78 0.48
N ILE A 103 6.51 23.96 1.10
CA ILE A 103 5.25 24.40 1.69
C ILE A 103 4.64 25.71 1.14
N HIS A 104 5.24 26.29 0.10
N HIS A 104 5.18 26.23 0.04
CA HIS A 104 4.55 27.37 -0.63
CA HIS A 104 4.55 27.35 -0.64
C HIS A 104 4.80 27.29 -2.14
C HIS A 104 4.81 27.30 -2.14
N ALA A 105 3.97 27.98 -2.90
CA ALA A 105 4.15 28.11 -4.33
C ALA A 105 5.44 28.93 -4.61
N PRO A 106 6.07 28.74 -5.78
CA PRO A 106 7.29 29.47 -6.09
C PRO A 106 7.11 30.98 -5.98
N LEU A 107 8.15 31.68 -5.51
CA LEU A 107 8.08 33.13 -5.41
C LEU A 107 9.26 33.77 -6.16
N ASP A 108 8.95 34.75 -7.00
CA ASP A 108 9.92 35.46 -7.82
C ASP A 108 10.34 36.76 -7.16
N TYR A 109 11.62 37.10 -7.26
CA TYR A 109 12.12 38.40 -6.80
C TYR A 109 13.03 38.95 -7.86
N TRP A 110 12.90 40.24 -8.16
CA TRP A 110 13.70 40.88 -9.19
C TRP A 110 14.57 41.99 -8.58
N GLY A 111 15.76 42.19 -9.14
CA GLY A 111 16.59 43.29 -8.68
C GLY A 111 16.09 44.57 -9.31
N GLN A 112 16.59 45.70 -8.81
CA GLN A 112 16.18 47.02 -9.25
C GLN A 112 16.58 47.27 -10.71
N GLY A 113 17.57 46.51 -11.18
CA GLY A 113 18.05 46.63 -12.54
C GLY A 113 19.33 47.47 -12.60
N THR A 114 20.26 47.03 -13.44
CA THR A 114 21.49 47.75 -13.61
C THR A 114 21.72 48.02 -15.08
N GLN A 115 21.92 49.29 -15.39
CA GLN A 115 22.11 49.69 -16.77
C GLN A 115 23.51 49.29 -17.23
N VAL A 116 23.58 48.70 -18.41
CA VAL A 116 24.83 48.43 -19.06
C VAL A 116 24.78 49.12 -20.39
N THR A 117 25.76 50.00 -20.63
CA THR A 117 25.81 50.79 -21.84
C THR A 117 27.09 50.50 -22.60
N VAL A 118 26.94 49.97 -23.81
CA VAL A 118 28.09 49.66 -24.62
C VAL A 118 28.24 50.69 -25.74
N GLN B 1 -5.34 15.53 35.97
CA GLN B 1 -6.21 16.61 36.43
C GLN B 1 -7.67 16.22 36.58
N VAL B 2 -7.95 15.02 37.07
CA VAL B 2 -9.33 14.64 37.35
C VAL B 2 -9.61 14.60 38.85
N GLN B 3 -10.63 15.36 39.28
CA GLN B 3 -11.04 15.35 40.68
C GLN B 3 -12.26 14.46 40.87
N LEU B 4 -12.23 13.61 41.89
CA LEU B 4 -13.31 12.66 42.11
C LEU B 4 -14.07 12.91 43.43
N GLN B 5 -15.38 13.09 43.34
CA GLN B 5 -16.23 13.32 44.50
C GLN B 5 -17.13 12.12 44.79
N GLU B 6 -16.95 11.50 45.94
CA GLU B 6 -17.73 10.33 46.32
C GLU B 6 -18.84 10.65 47.34
N SER B 7 -19.83 9.77 47.44
CA SER B 7 -20.90 9.93 48.43
C SER B 7 -21.64 8.62 48.68
N GLY B 8 -22.49 8.62 49.70
CA GLY B 8 -23.25 7.45 50.07
C GLY B 8 -22.43 6.58 51.01
N GLY B 9 -22.81 5.31 51.13
CA GLY B 9 -22.07 4.39 51.99
C GLY B 9 -22.61 4.45 53.40
N GLY B 10 -21.80 4.04 54.39
CA GLY B 10 -22.23 4.09 55.78
C GLY B 10 -22.58 2.73 56.36
N LEU B 11 -23.33 2.71 57.45
CA LEU B 11 -23.70 1.47 58.12
C LEU B 11 -24.94 0.84 57.47
N VAL B 12 -24.95 -0.48 57.35
CA VAL B 12 -26.10 -1.20 56.80
C VAL B 12 -26.30 -2.54 57.50
N GLN B 13 -27.56 -2.94 57.69
CA GLN B 13 -27.86 -4.25 58.27
C GLN B 13 -27.66 -5.35 57.24
N PRO B 14 -27.30 -6.57 57.70
CA PRO B 14 -27.11 -7.72 56.80
C PRO B 14 -28.36 -8.04 55.99
N GLY B 15 -28.18 -8.37 54.71
CA GLY B 15 -29.29 -8.57 53.79
C GLY B 15 -29.73 -7.26 53.17
N GLY B 16 -29.19 -6.16 53.70
CA GLY B 16 -29.52 -4.82 53.25
C GLY B 16 -28.86 -4.33 51.97
N SER B 17 -29.27 -3.13 51.57
CA SER B 17 -28.80 -2.50 50.35
C SER B 17 -28.46 -1.03 50.54
N LEU B 18 -27.51 -0.55 49.76
CA LEU B 18 -27.21 0.87 49.69
C LEU B 18 -26.65 1.21 48.32
N ARG B 19 -26.64 2.50 48.00
CA ARG B 19 -26.21 2.97 46.69
C ARG B 19 -25.13 4.03 46.79
N LEU B 20 -24.00 3.73 46.15
CA LEU B 20 -22.85 4.63 46.08
C LEU B 20 -22.91 5.50 44.83
N SER B 21 -22.37 6.72 44.98
CA SER B 21 -22.34 7.70 43.91
C SER B 21 -20.94 8.30 43.78
N CYS B 22 -20.45 8.42 42.55
CA CYS B 22 -19.17 9.09 42.29
C CYS B 22 -19.27 10.02 41.07
N ALA B 23 -18.68 11.20 41.19
CA ALA B 23 -18.73 12.19 40.12
C ALA B 23 -17.34 12.72 39.81
N ALA B 24 -17.06 12.94 38.52
CA ALA B 24 -15.74 13.32 38.07
C ALA B 24 -15.75 14.70 37.43
N SER B 25 -14.68 15.44 37.63
CA SER B 25 -14.56 16.78 37.08
C SER B 25 -13.10 17.07 36.76
N GLY B 26 -12.84 18.23 36.18
CA GLY B 26 -11.51 18.59 35.69
C GLY B 26 -11.25 18.13 34.26
N SER B 27 -10.05 17.59 34.02
CA SER B 27 -9.60 17.24 32.66
C SER B 27 -10.11 15.88 32.23
N VAL B 28 -11.44 15.75 32.18
CA VAL B 28 -12.05 14.51 31.76
C VAL B 28 -11.75 14.26 30.28
N SER B 29 -11.91 13.02 29.85
CA SER B 29 -11.64 12.68 28.47
C SER B 29 -12.89 12.08 27.84
N ARG B 30 -12.99 12.17 26.51
CA ARG B 30 -14.12 11.63 25.80
C ARG B 30 -14.18 10.12 25.99
N THR B 31 -13.02 9.50 26.03
CA THR B 31 -12.93 8.08 26.27
C THR B 31 -12.33 7.83 27.63
N TYR B 32 -13.05 7.07 28.47
CA TYR B 32 -12.63 6.85 29.86
C TYR B 32 -13.23 5.57 30.42
N VAL B 33 -12.72 5.16 31.58
CA VAL B 33 -13.35 4.12 32.38
C VAL B 33 -13.54 4.67 33.78
N MET B 34 -14.71 4.39 34.36
CA MET B 34 -15.05 4.81 35.71
C MET B 34 -15.64 3.66 36.50
N GLY B 35 -15.33 3.60 37.79
CA GLY B 35 -15.84 2.53 38.62
C GLY B 35 -15.36 2.54 40.06
N TRP B 36 -15.62 1.43 40.74
CA TRP B 36 -15.26 1.25 42.14
C TRP B 36 -14.40 0.02 42.39
N TYR B 37 -13.46 0.18 43.31
CA TYR B 37 -12.67 -0.90 43.88
C TYR B 37 -12.97 -0.93 45.36
N ARG B 38 -12.67 -2.05 46.03
CA ARG B 38 -12.84 -2.09 47.48
C ARG B 38 -11.67 -2.79 48.17
N GLN B 39 -11.40 -2.40 49.41
CA GLN B 39 -10.32 -3.02 50.17
C GLN B 39 -10.61 -3.15 51.66
N THR B 40 -10.30 -4.32 52.21
CA THR B 40 -10.26 -4.54 53.66
C THR B 40 -8.79 -4.73 54.08
N PRO B 41 -8.47 -4.49 55.35
CA PRO B 41 -7.09 -4.68 55.79
C PRO B 41 -6.53 -6.10 55.54
N GLY B 42 -5.34 -6.16 54.94
CA GLY B 42 -4.66 -7.41 54.68
C GLY B 42 -5.07 -8.09 53.39
N ASN B 43 -6.09 -7.53 52.74
CA ASN B 43 -6.51 -8.06 51.46
C ASN B 43 -6.18 -7.05 50.38
N GLN B 44 -6.13 -7.52 49.15
CA GLN B 44 -5.81 -6.66 48.02
C GLN B 44 -6.99 -5.75 47.67
N ARG B 45 -6.69 -4.61 47.06
CA ARG B 45 -7.75 -3.75 46.56
C ARG B 45 -8.34 -4.41 45.32
N GLU B 46 -9.64 -4.70 45.34
CA GLU B 46 -10.24 -5.51 44.29
C GLU B 46 -11.31 -4.76 43.53
N LEU B 47 -11.40 -5.05 42.24
CA LEU B 47 -12.42 -4.46 41.38
C LEU B 47 -13.79 -4.88 41.85
N VAL B 48 -14.72 -3.93 41.88
CA VAL B 48 -16.14 -4.21 42.18
C VAL B 48 -16.94 -4.16 40.87
N ALA B 49 -17.04 -2.96 40.30
CA ALA B 49 -17.71 -2.75 39.03
C ALA B 49 -17.16 -1.51 38.34
N THR B 50 -17.02 -1.55 37.02
CA THR B 50 -16.58 -0.40 36.23
C THR B 50 -17.47 -0.19 35.00
N ILE B 51 -17.42 1.01 34.43
CA ILE B 51 -18.19 1.29 33.23
C ILE B 51 -17.40 2.23 32.33
N THR B 52 -17.47 1.99 31.03
CA THR B 52 -16.76 2.82 30.07
C THR B 52 -17.59 4.00 29.61
N SER B 53 -16.95 4.86 28.83
CA SER B 53 -17.59 6.06 28.30
C SER B 53 -18.74 5.75 27.33
N VAL B 54 -18.79 4.54 26.77
CA VAL B 54 -19.94 4.19 25.94
C VAL B 54 -20.89 3.23 26.65
N GLY B 55 -20.72 3.06 27.96
CA GLY B 55 -21.66 2.33 28.78
C GLY B 55 -21.40 0.84 29.01
N SER B 56 -20.21 0.37 28.68
CA SER B 56 -19.90 -1.05 28.83
C SER B 56 -19.46 -1.38 30.23
N THR B 57 -20.12 -2.36 30.84
CA THR B 57 -19.90 -2.70 32.25
C THR B 57 -19.05 -3.94 32.44
N ASN B 58 -18.35 -3.97 33.56
CA ASN B 58 -17.63 -5.15 34.01
C ASN B 58 -17.81 -5.34 35.50
N TYR B 59 -18.15 -6.56 35.92
CA TYR B 59 -18.43 -6.87 37.33
C TYR B 59 -17.49 -7.95 37.85
N ALA B 60 -17.11 -7.87 39.12
CA ALA B 60 -16.41 -8.97 39.77
C ALA B 60 -17.34 -10.18 39.73
N ASP B 61 -16.84 -11.30 39.23
CA ASP B 61 -17.70 -12.47 39.02
C ASP B 61 -18.05 -13.12 40.35
N SER B 62 -17.35 -12.76 41.42
CA SER B 62 -17.63 -13.32 42.75
C SER B 62 -18.88 -12.70 43.37
N LEU B 63 -19.25 -11.52 42.88
CA LEU B 63 -20.44 -10.81 43.36
C LEU B 63 -21.73 -11.54 42.99
N LYS B 64 -21.68 -12.30 41.90
CA LYS B 64 -22.80 -13.10 41.40
C LYS B 64 -24.03 -12.27 41.06
N GLY B 65 -23.82 -11.11 40.42
CA GLY B 65 -24.91 -10.29 39.92
C GLY B 65 -25.64 -9.44 40.96
N ARG B 66 -25.14 -9.48 42.19
CA ARG B 66 -25.75 -8.75 43.29
C ARG B 66 -25.54 -7.23 43.14
N PHE B 67 -24.56 -6.84 42.32
CA PHE B 67 -24.27 -5.42 42.16
C PHE B 67 -24.57 -4.97 40.73
N THR B 68 -24.94 -3.71 40.59
CA THR B 68 -25.16 -3.10 39.28
C THR B 68 -24.57 -1.69 39.28
N ILE B 69 -23.84 -1.36 38.21
CA ILE B 69 -23.26 -0.03 37.99
C ILE B 69 -23.91 0.64 36.78
N SER B 70 -24.03 1.97 36.84
CA SER B 70 -24.60 2.75 35.74
C SER B 70 -24.17 4.20 35.84
N ARG B 71 -24.41 4.98 34.78
CA ARG B 71 -24.05 6.38 34.75
C ARG B 71 -25.25 7.28 34.96
N ASN B 76 -17.43 11.88 33.88
CA ASN B 76 -18.87 12.00 34.10
C ASN B 76 -19.28 11.65 35.55
N THR B 77 -20.41 10.98 35.70
CA THR B 77 -20.94 10.62 37.02
C THR B 77 -21.53 9.20 37.01
N VAL B 78 -21.17 8.39 37.99
CA VAL B 78 -21.67 7.02 38.05
C VAL B 78 -22.26 6.64 39.41
N TYR B 79 -23.09 5.61 39.40
CA TYR B 79 -23.78 5.13 40.58
C TYR B 79 -23.66 3.61 40.69
N LEU B 80 -23.39 3.12 41.89
CA LEU B 80 -23.30 1.68 42.13
C LEU B 80 -24.43 1.18 43.05
N GLN B 81 -25.22 0.22 42.57
CA GLN B 81 -26.29 -0.35 43.38
C GLN B 81 -25.88 -1.67 43.98
N MET B 82 -25.86 -1.73 45.31
CA MET B 82 -25.42 -2.93 46.00
C MET B 82 -26.57 -3.63 46.75
N ASN B 83 -26.91 -4.85 46.33
CA ASN B 83 -28.04 -5.60 46.89
C ASN B 83 -27.60 -6.85 47.64
N SER B 84 -28.46 -7.30 48.56
CA SER B 84 -28.28 -8.53 49.32
C SER B 84 -26.87 -8.61 49.95
N LEU B 85 -26.50 -7.57 50.68
CA LEU B 85 -25.15 -7.45 51.20
C LEU B 85 -24.89 -8.38 52.38
N LYS B 86 -23.64 -8.80 52.50
CA LYS B 86 -23.25 -9.76 53.52
C LYS B 86 -22.14 -9.09 54.32
N PRO B 87 -21.88 -9.59 55.55
CA PRO B 87 -20.79 -9.01 56.34
C PRO B 87 -19.45 -8.99 55.60
N GLU B 88 -19.25 -9.95 54.69
CA GLU B 88 -18.04 -10.04 53.89
C GLU B 88 -17.90 -8.90 52.88
N ASP B 89 -18.99 -8.19 52.61
CA ASP B 89 -18.95 -7.03 51.73
C ASP B 89 -18.53 -5.76 52.49
N THR B 90 -18.33 -5.87 53.80
CA THR B 90 -17.84 -4.75 54.59
C THR B 90 -16.43 -4.38 54.11
N ALA B 91 -16.24 -3.13 53.71
CA ALA B 91 -14.96 -2.66 53.16
C ALA B 91 -14.95 -1.15 52.92
N ILE B 92 -13.80 -0.66 52.46
CA ILE B 92 -13.67 0.71 51.98
C ILE B 92 -13.75 0.71 50.47
N TYR B 93 -14.67 1.52 49.94
CA TYR B 93 -14.94 1.55 48.51
C TYR B 93 -14.33 2.80 47.88
N TYR B 94 -13.52 2.62 46.84
CA TYR B 94 -12.81 3.70 46.15
C TYR B 94 -13.29 3.94 44.71
N CYS B 95 -13.55 5.19 44.35
CA CYS B 95 -13.83 5.54 42.97
C CYS B 95 -12.53 5.62 42.18
N LYS B 96 -12.57 5.12 40.95
CA LYS B 96 -11.41 5.18 40.06
C LYS B 96 -11.83 5.77 38.71
N TYR B 97 -11.00 6.68 38.19
CA TYR B 97 -11.18 7.24 36.85
C TYR B 97 -9.93 6.95 36.02
N ILE B 98 -10.10 6.35 34.84
CA ILE B 98 -8.95 6.15 33.95
C ILE B 98 -9.09 7.07 32.74
N ARG B 99 -8.13 7.97 32.55
CA ARG B 99 -8.17 8.91 31.44
C ARG B 99 -7.42 8.38 30.23
N TYR B 100 -8.11 8.22 29.11
CA TYR B 100 -7.50 7.70 27.89
C TYR B 100 -7.35 8.78 26.84
N SER B 101 -6.28 8.69 26.08
CA SER B 101 -5.97 9.68 25.04
C SER B 101 -5.23 9.06 23.85
N PRO B 102 -5.37 9.67 22.65
CA PRO B 102 -4.58 9.26 21.49
C PRO B 102 -3.11 9.68 21.60
N ILE B 103 -2.82 10.66 22.45
CA ILE B 103 -1.48 11.23 22.50
C ILE B 103 -0.74 11.07 23.83
N HIS B 104 -1.32 10.37 24.80
CA HIS B 104 -0.54 9.95 25.96
C HIS B 104 -0.96 8.59 26.49
N ALA B 105 -0.10 7.99 27.31
CA ALA B 105 -0.42 6.74 28.00
C ALA B 105 -1.58 6.98 28.99
N PRO B 106 -2.33 5.90 29.30
CA PRO B 106 -3.46 6.01 30.25
C PRO B 106 -3.05 6.53 31.61
N LEU B 107 -3.90 7.36 32.22
CA LEU B 107 -3.63 7.94 33.53
C LEU B 107 -4.74 7.59 34.50
N ASP B 108 -4.36 7.15 35.70
CA ASP B 108 -5.29 6.75 36.73
C ASP B 108 -5.54 7.87 37.74
N TYR B 109 -6.77 7.95 38.22
CA TYR B 109 -7.13 8.87 39.29
C TYR B 109 -8.00 8.14 40.31
N TRP B 110 -7.71 8.38 41.60
CA TRP B 110 -8.40 7.71 42.69
C TRP B 110 -9.17 8.69 43.58
N GLY B 111 -10.27 8.21 44.16
CA GLY B 111 -11.05 8.93 45.15
C GLY B 111 -10.55 8.76 46.58
N GLN B 112 -11.08 9.56 47.49
CA GLN B 112 -10.66 9.50 48.88
C GLN B 112 -11.11 8.21 49.58
N GLY B 113 -12.15 7.58 49.07
CA GLY B 113 -12.65 6.34 49.68
C GLY B 113 -13.83 6.58 50.61
N THR B 114 -14.78 5.66 50.61
CA THR B 114 -15.92 5.73 51.53
C THR B 114 -16.13 4.39 52.24
N GLN B 115 -16.26 4.44 53.57
CA GLN B 115 -16.45 3.23 54.35
C GLN B 115 -17.87 2.65 54.23
N VAL B 116 -17.95 1.34 54.03
CA VAL B 116 -19.21 0.60 54.07
C VAL B 116 -19.10 -0.56 55.07
N THR B 117 -20.04 -0.57 56.04
CA THR B 117 -20.07 -1.56 57.12
C THR B 117 -21.39 -2.33 57.15
N VAL B 118 -21.33 -3.66 56.96
CA VAL B 118 -22.53 -4.48 56.91
C VAL B 118 -22.71 -5.31 58.19
N SER C 1 5.66 12.34 21.30
CA SER C 1 5.75 11.18 20.41
C SER C 1 5.02 11.42 19.09
N LYS C 2 5.53 10.77 18.05
CA LYS C 2 4.88 10.78 16.74
C LYS C 2 3.52 10.10 16.88
N PRO C 3 2.44 10.79 16.46
CA PRO C 3 1.08 10.25 16.67
C PRO C 3 0.79 8.96 15.88
N PHE C 4 0.14 8.01 16.54
CA PHE C 4 -0.24 6.75 15.89
C PHE C 4 -1.41 7.00 14.94
N THR C 5 -1.36 6.42 13.74
CA THR C 5 -2.43 6.50 12.77
C THR C 5 -2.63 5.16 12.04
N LEU C 6 -3.81 4.99 11.44
CA LEU C 6 -4.12 3.91 10.53
C LEU C 6 -4.47 4.52 9.17
N PRO C 7 -4.32 3.75 8.09
CA PRO C 7 -4.75 4.26 6.78
C PRO C 7 -6.24 4.50 6.79
N ILE C 8 -6.72 5.36 5.91
CA ILE C 8 -8.15 5.61 5.82
C ILE C 8 -8.75 4.80 4.67
N LEU C 9 -8.15 3.67 4.35
CA LEU C 9 -8.74 2.78 3.34
C LEU C 9 -9.93 2.00 3.89
N THR C 10 -11.03 1.94 3.13
CA THR C 10 -12.22 1.18 3.53
C THR C 10 -12.03 -0.32 3.30
N LEU C 11 -12.99 -1.12 3.76
CA LEU C 11 -12.84 -2.58 3.69
C LEU C 11 -12.76 -3.07 2.22
N GLY C 12 -13.48 -2.42 1.32
CA GLY C 12 -13.39 -2.74 -0.09
C GLY C 12 -12.12 -2.19 -0.75
N GLU C 13 -11.23 -1.61 0.06
CA GLU C 13 -9.97 -1.03 -0.42
C GLU C 13 -8.76 -1.68 0.24
N LEU C 14 -8.96 -2.85 0.82
CA LEU C 14 -7.88 -3.57 1.50
C LEU C 14 -7.57 -4.93 0.86
N THR C 15 -6.34 -5.39 1.05
CA THR C 15 -5.99 -6.71 0.54
C THR C 15 -5.40 -7.57 1.65
N ASN C 16 -5.47 -8.87 1.44
CA ASN C 16 -5.03 -9.85 2.41
C ASN C 16 -3.50 -9.84 2.49
N SER C 17 -2.96 -10.01 3.70
CA SER C 17 -1.51 -10.03 3.90
C SER C 17 -0.91 -11.45 3.92
N ARG C 18 -1.77 -12.46 3.82
CA ARG C 18 -1.33 -13.85 3.84
C ARG C 18 -1.54 -14.59 2.51
N PHE C 19 -2.32 -14.00 1.61
CA PHE C 19 -2.48 -14.52 0.24
C PHE C 19 -2.93 -13.34 -0.63
N PRO C 20 -2.51 -13.32 -1.92
CA PRO C 20 -2.90 -12.18 -2.77
C PRO C 20 -4.38 -12.17 -3.12
N LEU C 21 -5.17 -11.69 -2.19
CA LEU C 21 -6.60 -11.62 -2.34
C LEU C 21 -7.15 -10.31 -1.77
N PRO C 22 -8.29 -9.84 -2.31
CA PRO C 22 -8.96 -8.69 -1.67
C PRO C 22 -9.55 -9.11 -0.32
N ILE C 23 -9.70 -8.19 0.63
CA ILE C 23 -10.44 -8.50 1.84
C ILE C 23 -11.91 -8.59 1.48
N ASP C 24 -12.57 -9.70 1.81
CA ASP C 24 -13.99 -9.84 1.50
C ASP C 24 -14.88 -9.41 2.69
N VAL C 25 -14.60 -9.95 3.87
CA VAL C 25 -15.40 -9.63 5.07
C VAL C 25 -14.54 -9.55 6.30
N LEU C 26 -15.08 -8.92 7.34
CA LEU C 26 -14.56 -9.06 8.68
C LEU C 26 -15.20 -10.31 9.28
N TYR C 27 -14.49 -11.00 10.17
CA TYR C 27 -14.92 -12.31 10.62
C TYR C 27 -14.46 -12.66 12.03
N THR C 28 -15.37 -13.24 12.82
CA THR C 28 -15.03 -13.87 14.10
C THR C 28 -15.79 -15.17 14.13
N ASN C 29 -15.30 -16.12 14.90
CA ASN C 29 -16.09 -17.32 15.13
C ASN C 29 -15.82 -17.84 16.54
N PRO C 30 -16.81 -17.73 17.42
CA PRO C 30 -16.67 -18.19 18.80
C PRO C 30 -16.70 -19.71 18.92
N ASN C 31 -16.97 -20.40 17.81
CA ASN C 31 -17.05 -21.86 17.80
C ASN C 31 -15.73 -22.49 17.37
N GLU C 32 -14.85 -21.65 16.85
CA GLU C 32 -13.56 -22.08 16.33
C GLU C 32 -12.39 -21.85 17.29
N SER C 33 -11.63 -22.91 17.54
CA SER C 33 -10.41 -22.85 18.34
C SER C 33 -9.18 -23.18 17.48
N ALA C 34 -8.10 -22.45 17.68
CA ALA C 34 -6.83 -22.74 17.02
C ALA C 34 -5.71 -21.97 17.70
N ILE C 35 -4.48 -22.48 17.61
CA ILE C 35 -3.33 -21.65 17.96
C ILE C 35 -3.02 -20.78 16.73
N VAL C 36 -3.20 -19.47 16.89
CA VAL C 36 -3.05 -18.54 15.79
C VAL C 36 -1.63 -17.98 15.80
N GLN C 37 -0.80 -18.44 14.86
CA GLN C 37 0.61 -18.04 14.81
C GLN C 37 1.10 -17.91 13.37
N CYS C 38 0.30 -17.23 12.55
CA CYS C 38 0.67 -17.02 11.18
C CYS C 38 1.94 -16.15 11.09
N GLN C 39 2.67 -16.25 9.97
CA GLN C 39 3.98 -15.60 9.87
C GLN C 39 4.03 -14.50 8.80
N ASN C 40 3.05 -14.50 7.89
CA ASN C 40 2.84 -13.36 7.00
C ASN C 40 1.80 -12.44 7.58
N GLY C 41 1.88 -11.17 7.19
CA GLY C 41 1.03 -10.15 7.75
C GLY C 41 1.27 -9.91 9.22
N ARG C 42 2.54 -9.95 9.63
CA ARG C 42 2.87 -9.72 11.04
C ARG C 42 3.69 -8.46 11.19
N CYS C 43 3.14 -7.50 11.91
CA CYS C 43 3.81 -6.22 12.12
C CYS C 43 3.33 -5.61 13.42
N THR C 44 4.26 -5.15 14.26
CA THR C 44 3.88 -4.49 15.52
C THR C 44 3.35 -3.10 15.19
N LEU C 45 2.63 -2.50 16.13
CA LEU C 45 2.04 -1.21 15.89
C LEU C 45 3.09 -0.11 15.74
N ASP C 46 4.31 -0.34 16.23
CA ASP C 46 5.35 0.66 16.03
C ASP C 46 6.27 0.29 14.84
N GLY C 47 5.78 -0.59 13.96
CA GLY C 47 6.39 -0.81 12.65
C GLY C 47 7.49 -1.86 12.51
N GLU C 48 7.57 -2.78 13.47
CA GLU C 48 8.55 -3.86 13.38
C GLU C 48 7.94 -5.09 12.67
N LEU C 49 8.46 -5.41 11.48
CA LEU C 49 8.02 -6.62 10.76
C LEU C 49 8.49 -7.88 11.49
N GLN C 50 7.67 -8.92 11.50
CA GLN C 50 8.02 -10.17 12.15
C GLN C 50 7.72 -11.36 11.25
N GLY C 51 8.17 -12.54 11.66
CA GLY C 51 7.92 -13.75 10.87
C GLY C 51 8.58 -13.68 9.51
N THR C 52 7.81 -14.01 8.48
CA THR C 52 8.30 -13.95 7.09
C THR C 52 7.72 -12.76 6.32
N THR C 53 7.25 -11.78 7.08
CA THR C 53 6.50 -10.67 6.48
C THR C 53 7.39 -9.72 5.68
N GLN C 54 6.98 -9.43 4.45
CA GLN C 54 7.62 -8.39 3.63
C GLN C 54 6.53 -7.48 3.04
N LEU C 55 6.95 -6.41 2.39
CA LEU C 55 6.06 -5.31 2.00
C LEU C 55 5.29 -5.48 0.70
N LEU C 56 5.83 -6.27 -0.24
CA LEU C 56 5.24 -6.39 -1.56
C LEU C 56 4.02 -7.31 -1.56
N PRO C 57 2.88 -6.81 -2.05
CA PRO C 57 1.71 -7.68 -2.27
C PRO C 57 1.98 -8.82 -3.25
N THR C 58 2.90 -8.57 -4.19
CA THR C 58 3.32 -9.58 -5.16
C THR C 58 4.26 -10.62 -4.55
N GLY C 59 4.78 -10.35 -3.35
CA GLY C 59 5.71 -11.29 -2.73
C GLY C 59 5.05 -12.33 -1.82
N ILE C 60 3.77 -12.14 -1.51
CA ILE C 60 3.07 -13.01 -0.58
C ILE C 60 2.80 -14.39 -1.20
N CYS C 61 3.36 -15.45 -0.60
CA CYS C 61 3.29 -16.83 -1.10
C CYS C 61 3.95 -16.99 -2.47
N ALA C 62 4.88 -16.09 -2.77
CA ALA C 62 5.62 -16.17 -4.03
C ALA C 62 6.94 -16.84 -3.80
N PHE C 63 7.50 -17.43 -4.86
CA PHE C 63 8.85 -17.96 -4.84
C PHE C 63 9.59 -17.53 -6.10
N ARG C 64 10.89 -17.37 -5.98
CA ARG C 64 11.74 -17.23 -7.16
C ARG C 64 13.03 -18.04 -6.92
N GLY C 65 13.63 -18.53 -8.00
CA GLY C 65 14.81 -19.36 -7.91
C GLY C 65 15.09 -20.04 -9.23
N LYS C 66 15.62 -21.26 -9.18
CA LYS C 66 15.90 -22.04 -10.41
C LYS C 66 15.60 -23.53 -10.19
N VAL C 67 15.08 -24.19 -11.23
CA VAL C 67 14.89 -25.63 -11.18
C VAL C 67 16.22 -26.35 -11.30
N THR C 68 16.48 -27.29 -10.42
CA THR C 68 17.71 -28.06 -10.51
C THR C 68 17.50 -29.31 -11.37
N GLN C 69 16.42 -30.03 -11.12
CA GLN C 69 16.17 -31.27 -11.87
C GLN C 69 14.76 -31.80 -11.65
N GLN C 70 14.34 -32.71 -12.52
CA GLN C 70 13.12 -33.44 -12.30
C GLN C 70 13.39 -34.44 -11.19
N VAL C 71 12.40 -34.71 -10.35
CA VAL C 71 12.57 -35.72 -9.30
C VAL C 71 11.38 -36.68 -9.24
N GLN C 72 11.51 -37.74 -8.46
CA GLN C 72 10.46 -38.74 -8.28
C GLN C 72 9.77 -38.51 -6.93
N ASP C 73 8.46 -38.73 -6.90
CA ASP C 73 7.69 -38.50 -5.68
C ASP C 73 6.45 -39.38 -5.66
N GLU C 74 5.92 -39.66 -4.47
CA GLU C 74 4.72 -40.50 -4.33
C GLU C 74 3.48 -39.83 -4.91
N HIS C 75 3.39 -38.51 -4.79
CA HIS C 75 2.23 -37.76 -5.27
C HIS C 75 2.06 -37.88 -6.79
N ARG C 76 0.83 -37.72 -7.27
CA ARG C 76 0.55 -37.79 -8.69
C ARG C 76 1.13 -36.57 -9.43
N GLY C 77 1.54 -36.80 -10.67
CA GLY C 77 2.06 -35.75 -11.51
C GLY C 77 3.54 -35.86 -11.74
N THR C 78 4.11 -34.79 -12.30
CA THR C 78 5.53 -34.69 -12.55
C THR C 78 6.15 -33.72 -11.56
N HIS C 79 7.29 -34.09 -10.97
CA HIS C 79 7.85 -33.33 -9.86
C HIS C 79 9.22 -32.75 -10.16
N TRP C 80 9.44 -31.53 -9.65
CA TRP C 80 10.64 -30.76 -9.95
C TRP C 80 11.25 -30.18 -8.70
N ASN C 81 12.57 -30.25 -8.57
CA ASN C 81 13.24 -29.62 -7.46
C ASN C 81 13.67 -28.19 -7.80
N MET C 82 13.47 -27.28 -6.85
CA MET C 82 13.73 -25.86 -7.10
C MET C 82 14.49 -25.23 -5.93
N THR C 83 15.66 -24.66 -6.21
CA THR C 83 16.34 -23.84 -5.20
C THR C 83 15.64 -22.48 -5.14
N VAL C 84 15.47 -21.93 -3.94
CA VAL C 84 14.80 -20.64 -3.80
C VAL C 84 15.77 -19.61 -3.29
N THR C 85 15.65 -18.38 -3.80
CA THR C 85 16.47 -17.26 -3.34
C THR C 85 15.60 -16.33 -2.51
N ASN C 86 16.16 -15.23 -2.03
CA ASN C 86 15.32 -14.14 -1.52
C ASN C 86 14.53 -13.63 -2.73
N LEU C 87 13.40 -12.98 -2.47
CA LEU C 87 12.56 -12.48 -3.56
C LEU C 87 13.26 -11.40 -4.40
N ASN C 88 14.26 -10.73 -3.84
CA ASN C 88 15.01 -9.75 -4.63
C ASN C 88 16.11 -10.42 -5.45
N GLY C 89 16.14 -11.75 -5.46
CA GLY C 89 17.09 -12.46 -6.28
C GLY C 89 18.41 -12.80 -5.59
N THR C 90 18.66 -12.17 -4.44
CA THR C 90 19.89 -12.48 -3.70
C THR C 90 19.79 -13.85 -3.05
N PRO C 91 20.93 -14.53 -2.87
CA PRO C 91 20.91 -15.86 -2.24
C PRO C 91 20.35 -15.84 -0.82
N PHE C 92 19.58 -16.86 -0.45
CA PHE C 92 19.04 -16.89 0.89
C PHE C 92 20.08 -17.39 1.88
N ASP C 93 20.28 -16.61 2.93
CA ASP C 93 21.18 -17.00 4.01
C ASP C 93 20.39 -17.65 5.13
N PRO C 94 20.50 -18.99 5.24
CA PRO C 94 19.75 -19.74 6.24
C PRO C 94 20.14 -19.35 7.67
N THR C 95 21.24 -18.63 7.84
CA THR C 95 21.66 -18.23 9.18
C THR C 95 21.01 -16.91 9.60
N GLU C 96 20.26 -16.29 8.70
CA GLU C 96 19.56 -15.05 9.05
C GLU C 96 18.41 -15.37 10.03
N ASP C 97 18.05 -14.40 10.87
CA ASP C 97 17.08 -14.63 11.94
C ASP C 97 15.62 -14.52 11.48
N VAL C 98 15.27 -15.34 10.49
CA VAL C 98 13.91 -15.41 9.96
C VAL C 98 13.54 -16.90 9.84
N PRO C 99 12.24 -17.22 9.88
CA PRO C 99 11.82 -18.64 9.80
C PRO C 99 12.11 -19.29 8.44
N ALA C 100 12.12 -18.48 7.38
CA ALA C 100 12.24 -18.92 5.99
C ALA C 100 12.41 -17.67 5.15
N PRO C 101 12.64 -17.78 3.81
CA PRO C 101 12.66 -16.55 3.01
C PRO C 101 11.37 -15.76 3.14
N LEU C 102 11.49 -14.44 3.16
CA LEU C 102 10.33 -13.58 3.36
C LEU C 102 9.36 -13.84 2.21
N GLY C 103 8.07 -13.94 2.54
CA GLY C 103 7.02 -14.21 1.54
C GLY C 103 6.58 -15.67 1.47
N THR C 104 7.40 -16.55 2.04
CA THR C 104 7.11 -17.99 2.08
C THR C 104 5.71 -18.23 2.64
N PRO C 105 4.94 -19.14 2.03
CA PRO C 105 3.59 -19.45 2.57
C PRO C 105 3.61 -19.85 4.06
N ASP C 106 2.63 -19.43 4.85
CA ASP C 106 2.70 -19.70 6.31
C ASP C 106 1.60 -20.67 6.80
N PHE C 107 1.15 -21.53 5.90
CA PHE C 107 0.14 -22.51 6.29
C PHE C 107 0.29 -23.82 5.54
N SER C 108 -0.30 -24.87 6.12
CA SER C 108 -0.27 -26.20 5.55
C SER C 108 -1.33 -26.34 4.46
N GLY C 109 -0.91 -26.83 3.29
CA GLY C 109 -1.85 -27.06 2.20
C GLY C 109 -1.17 -27.26 0.87
N GLN C 110 -1.98 -27.44 -0.17
CA GLN C 110 -1.50 -27.56 -1.54
C GLN C 110 -1.75 -26.24 -2.26
N ILE C 111 -0.71 -25.45 -2.40
CA ILE C 111 -0.84 -24.13 -3.01
C ILE C 111 -0.74 -24.24 -4.53
N TYR C 112 -1.78 -23.78 -5.20
CA TYR C 112 -1.91 -23.84 -6.65
C TYR C 112 -1.51 -22.52 -7.28
N GLY C 113 -0.73 -22.61 -8.36
CA GLY C 113 -0.24 -21.40 -8.98
C GLY C 113 0.32 -21.69 -10.35
N VAL C 114 1.07 -20.72 -10.85
CA VAL C 114 1.76 -20.86 -12.13
C VAL C 114 3.27 -20.70 -11.96
N ILE C 115 4.00 -21.68 -12.47
CA ILE C 115 5.45 -21.60 -12.57
C ILE C 115 5.84 -21.06 -13.95
N SER C 116 6.61 -19.99 -13.97
CA SER C 116 7.03 -19.42 -15.26
C SER C 116 8.53 -19.25 -15.30
N GLN C 117 9.09 -19.37 -16.51
CA GLN C 117 10.53 -19.31 -16.74
C GLN C 117 10.89 -18.42 -17.94
N ARG C 118 12.01 -17.71 -17.81
CA ARG C 118 12.61 -16.94 -18.87
C ARG C 118 14.10 -17.26 -18.90
N ASN C 119 14.57 -17.92 -19.96
CA ASN C 119 15.94 -18.40 -20.01
C ASN C 119 16.97 -17.26 -19.99
N THR C 120 18.16 -17.51 -19.42
CA THR C 120 19.20 -16.49 -19.34
C THR C 120 19.83 -16.21 -20.71
N ASN C 121 20.39 -15.00 -20.86
CA ASN C 121 21.03 -14.63 -22.12
C ASN C 121 22.41 -15.27 -22.29
N LEU C 129 15.94 -11.90 -26.93
CA LEU C 129 14.80 -12.76 -27.23
C LEU C 129 14.94 -14.19 -26.65
N PRO C 130 14.99 -14.31 -25.31
CA PRO C 130 15.10 -15.65 -24.68
C PRO C 130 13.80 -16.46 -24.76
N ALA C 131 13.92 -17.78 -24.66
CA ALA C 131 12.75 -18.67 -24.66
C ALA C 131 12.00 -18.65 -23.32
N ASN C 132 10.69 -18.84 -23.38
CA ASN C 132 9.81 -18.77 -22.21
C ASN C 132 8.89 -19.99 -22.11
N ARG C 133 8.48 -20.34 -20.89
CA ARG C 133 7.39 -21.29 -20.73
C ARG C 133 6.70 -21.05 -19.38
N ALA C 134 5.42 -21.40 -19.29
CA ALA C 134 4.71 -21.36 -18.02
C ALA C 134 3.75 -22.54 -17.93
N HIS C 135 3.60 -23.08 -16.73
CA HIS C 135 2.68 -24.19 -16.50
C HIS C 135 2.01 -24.10 -15.13
N GLU C 136 0.82 -24.67 -15.01
CA GLU C 136 0.18 -24.83 -13.71
C GLU C 136 1.08 -25.68 -12.81
N ALA C 137 1.11 -25.32 -11.53
CA ALA C 137 1.96 -26.04 -10.58
C ALA C 137 1.34 -26.04 -9.19
N VAL C 138 1.71 -27.04 -8.39
CA VAL C 138 1.25 -27.18 -7.01
C VAL C 138 2.46 -27.33 -6.08
N ILE C 139 2.44 -26.59 -4.97
CA ILE C 139 3.42 -26.77 -3.93
C ILE C 139 2.73 -27.28 -2.64
N ALA C 140 3.11 -28.48 -2.20
CA ALA C 140 2.57 -29.07 -0.98
C ALA C 140 3.41 -28.61 0.22
N THR C 141 2.91 -27.65 1.00
CA THR C 141 3.74 -27.05 2.06
C THR C 141 3.96 -27.99 3.26
N TYR C 142 3.19 -29.07 3.32
CA TYR C 142 3.29 -30.10 4.36
C TYR C 142 4.29 -31.19 3.98
N SER C 143 4.77 -31.16 2.74
CA SER C 143 5.69 -32.21 2.28
C SER C 143 7.05 -32.15 2.96
N PRO C 144 7.65 -33.32 3.23
CA PRO C 144 9.03 -33.27 3.76
C PRO C 144 10.00 -32.64 2.77
N LYS C 145 9.60 -32.49 1.51
CA LYS C 145 10.43 -31.85 0.49
C LYS C 145 10.25 -30.33 0.47
N PHE C 146 9.34 -29.82 1.30
CA PHE C 146 9.17 -28.38 1.44
C PHE C 146 10.13 -27.87 2.50
N THR C 147 11.33 -27.45 2.07
CA THR C 147 12.35 -26.98 2.99
C THR C 147 12.90 -25.59 2.60
N PRO C 148 12.02 -24.58 2.55
CA PRO C 148 12.44 -23.23 2.10
C PRO C 148 13.53 -22.61 2.99
N LYS C 149 13.53 -22.93 4.29
CA LYS C 149 14.57 -22.42 5.18
C LYS C 149 15.95 -23.03 4.80
N LEU C 150 15.91 -24.17 4.14
CA LEU C 150 17.14 -24.80 3.66
C LEU C 150 17.45 -24.37 2.23
N GLY C 151 16.65 -23.48 1.66
CA GLY C 151 16.91 -22.94 0.34
C GLY C 151 16.44 -23.83 -0.80
N ASN C 152 15.56 -24.77 -0.48
CA ASN C 152 15.07 -25.73 -1.46
C ASN C 152 13.60 -26.15 -1.26
N ILE C 153 12.82 -26.15 -2.33
CA ILE C 153 11.44 -26.66 -2.31
C ILE C 153 11.17 -27.54 -3.53
N GLN C 154 10.01 -28.18 -3.53
CA GLN C 154 9.61 -29.04 -4.65
C GLN C 154 8.23 -28.63 -5.17
N PHE C 155 8.06 -28.65 -6.49
CA PHE C 155 6.71 -28.44 -7.00
C PHE C 155 6.35 -29.50 -8.03
N SER C 156 5.05 -29.69 -8.22
CA SER C 156 4.58 -30.67 -9.18
C SER C 156 3.74 -30.01 -10.27
N THR C 157 3.78 -30.59 -11.48
CA THR C 157 3.04 -30.06 -12.61
C THR C 157 2.19 -31.18 -13.21
N TRP C 158 1.11 -30.81 -13.90
CA TRP C 158 0.40 -31.75 -14.76
C TRP C 158 1.28 -32.00 -15.98
N GLU C 159 1.93 -30.93 -16.45
CA GLU C 159 2.85 -31.00 -17.58
C GLU C 159 3.97 -31.98 -17.30
N THR C 160 4.27 -32.86 -18.26
CA THR C 160 5.23 -33.92 -18.03
C THR C 160 6.71 -33.52 -18.29
N GLN C 161 6.98 -32.74 -19.33
CA GLN C 161 8.38 -32.54 -19.71
C GLN C 161 8.87 -31.09 -19.84
N ASP C 162 8.00 -30.16 -20.20
CA ASP C 162 8.43 -28.83 -20.62
C ASP C 162 8.81 -27.89 -19.46
N VAL C 163 9.77 -28.29 -18.64
CA VAL C 163 10.33 -27.45 -17.57
C VAL C 163 11.84 -27.49 -17.64
N SER C 164 12.50 -26.33 -17.75
CA SER C 164 13.94 -26.29 -17.97
C SER C 164 14.73 -26.18 -16.69
N SER C 165 15.89 -26.84 -16.65
CA SER C 165 16.77 -26.71 -15.50
C SER C 165 17.75 -25.56 -15.64
N GLY C 166 18.16 -25.02 -14.50
CA GLY C 166 19.14 -23.96 -14.45
C GLY C 166 18.70 -22.65 -15.08
N GLN C 167 17.39 -22.41 -15.12
CA GLN C 167 16.84 -21.18 -15.68
C GLN C 167 15.98 -20.45 -14.66
N PRO C 168 15.96 -19.11 -14.70
CA PRO C 168 15.22 -18.30 -13.72
C PRO C 168 13.75 -18.69 -13.70
N THR C 169 13.23 -18.92 -12.50
CA THR C 169 11.91 -19.53 -12.30
C THR C 169 11.12 -18.71 -11.30
N LYS C 170 9.86 -18.48 -11.63
CA LYS C 170 8.98 -17.69 -10.78
C LYS C 170 7.74 -18.51 -10.44
N PHE C 171 7.30 -18.47 -9.19
CA PHE C 171 6.02 -19.06 -8.82
C PHE C 171 5.02 -17.95 -8.52
N THR C 172 3.95 -17.86 -9.32
CA THR C 172 2.88 -16.92 -9.04
C THR C 172 1.69 -17.65 -8.37
N PRO C 173 1.41 -17.33 -7.09
CA PRO C 173 0.31 -18.07 -6.46
C PRO C 173 -1.07 -17.68 -6.98
N VAL C 174 -1.99 -18.63 -7.07
CA VAL C 174 -3.35 -18.33 -7.54
C VAL C 174 -4.42 -18.76 -6.51
N GLY C 175 -4.21 -19.92 -5.88
CA GLY C 175 -5.18 -20.44 -4.91
C GLY C 175 -4.73 -21.74 -4.29
N LEU C 176 -5.70 -22.64 -4.03
CA LEU C 176 -5.41 -23.98 -3.51
C LEU C 176 -5.72 -25.01 -4.57
N ALA C 177 -4.96 -26.13 -4.57
CA ALA C 177 -5.21 -27.21 -5.50
C ALA C 177 -6.47 -27.98 -5.12
N SER C 178 -6.62 -28.15 -3.81
CA SER C 178 -7.67 -29.01 -3.24
C SER C 178 -7.79 -28.71 -1.77
N VAL C 179 -8.96 -28.98 -1.19
CA VAL C 179 -9.09 -28.97 0.27
C VAL C 179 -9.73 -30.29 0.70
N ASP C 180 -9.56 -31.34 -0.12
CA ASP C 180 -10.15 -32.61 0.25
C ASP C 180 -9.37 -33.22 1.41
N ALA C 181 -9.86 -34.35 1.89
CA ALA C 181 -9.35 -35.02 3.08
C ALA C 181 -7.84 -35.32 3.03
N ASN C 182 -7.34 -35.57 1.83
CA ASN C 182 -5.93 -35.92 1.66
C ASN C 182 -5.01 -34.73 1.38
N SER C 183 -5.58 -33.52 1.36
CA SER C 183 -4.82 -32.34 0.98
C SER C 183 -4.25 -31.55 2.16
N HIS C 184 -4.65 -31.92 3.37
CA HIS C 184 -4.08 -31.34 4.59
C HIS C 184 -4.11 -29.82 4.63
N PHE C 185 -5.21 -29.21 4.21
CA PHE C 185 -5.36 -27.78 4.32
C PHE C 185 -5.73 -27.42 5.75
N ASP C 186 -4.88 -26.61 6.40
CA ASP C 186 -5.20 -26.00 7.69
C ASP C 186 -4.48 -24.68 7.76
N GLN C 187 -5.22 -23.58 7.71
CA GLN C 187 -4.59 -22.26 7.64
C GLN C 187 -3.82 -21.90 8.93
N TRP C 188 -4.10 -22.61 10.03
CA TRP C 188 -3.43 -22.29 11.30
C TRP C 188 -2.33 -23.29 11.66
N THR C 189 -2.04 -24.24 10.79
CA THR C 189 -0.88 -25.12 10.97
C THR C 189 0.32 -24.63 10.15
N LEU C 190 1.41 -24.30 10.84
CA LEU C 190 2.60 -23.82 10.14
C LEU C 190 3.30 -24.95 9.38
N PRO C 191 3.93 -24.61 8.25
CA PRO C 191 4.78 -25.61 7.59
C PRO C 191 5.98 -25.93 8.47
N SER C 192 6.62 -27.05 8.23
CA SER C 192 7.92 -27.30 8.82
C SER C 192 8.98 -26.72 7.85
N TYR C 193 9.40 -25.47 8.10
CA TYR C 193 10.23 -24.74 7.13
C TYR C 193 11.58 -25.41 6.79
N SER C 194 12.14 -26.22 7.70
CA SER C 194 13.39 -26.96 7.44
C SER C 194 13.16 -28.46 7.28
N GLY C 195 11.92 -28.84 7.07
CA GLY C 195 11.58 -30.23 6.85
C GLY C 195 11.32 -31.02 8.11
N ALA C 196 11.34 -32.34 7.98
CA ALA C 196 10.85 -33.24 9.02
C ALA C 196 11.55 -33.18 10.38
N LEU C 197 12.85 -33.46 10.40
CA LEU C 197 13.55 -33.53 11.67
C LEU C 197 14.05 -32.20 12.24
N THR C 198 13.33 -31.11 11.97
CA THR C 198 13.76 -29.81 12.50
C THR C 198 12.62 -28.98 13.08
N LEU C 199 12.97 -28.06 13.97
CA LEU C 199 12.01 -27.17 14.61
C LEU C 199 12.09 -25.78 13.97
N ASN C 200 10.94 -25.16 13.81
CA ASN C 200 10.89 -23.80 13.29
C ASN C 200 11.57 -22.84 14.25
N MET C 201 12.24 -21.83 13.69
CA MET C 201 12.99 -20.85 14.46
C MET C 201 12.51 -19.43 14.13
N ASN C 202 12.75 -18.49 15.03
CA ASN C 202 12.50 -17.07 14.76
C ASN C 202 11.07 -16.72 14.39
N LEU C 203 10.12 -17.47 14.93
CA LEU C 203 8.70 -17.26 14.62
C LEU C 203 8.16 -15.99 15.26
N ALA C 204 7.25 -15.32 14.56
CA ALA C 204 6.42 -14.31 15.21
C ALA C 204 5.57 -15.08 16.25
N PRO C 205 5.29 -14.47 17.43
CA PRO C 205 4.59 -15.17 18.52
C PRO C 205 3.11 -15.50 18.20
N SER C 206 2.53 -16.46 18.92
CA SER C 206 1.09 -16.72 18.79
C SER C 206 0.27 -15.55 19.37
N VAL C 207 -0.95 -15.36 18.89
CA VAL C 207 -1.76 -14.23 19.37
C VAL C 207 -3.10 -14.76 19.93
N ALA C 208 -3.61 -14.11 20.98
CA ALA C 208 -4.89 -14.49 21.59
C ALA C 208 -5.47 -13.32 22.37
N PRO C 209 -6.81 -13.30 22.58
CA PRO C 209 -7.39 -12.27 23.44
C PRO C 209 -6.89 -12.41 24.86
N VAL C 210 -6.65 -11.29 25.54
CA VAL C 210 -6.31 -11.30 26.96
C VAL C 210 -7.54 -11.60 27.82
N PHE C 211 -8.70 -11.07 27.42
CA PHE C 211 -9.94 -11.22 28.17
C PHE C 211 -10.70 -12.46 27.72
N PRO C 212 -11.41 -13.12 28.64
CA PRO C 212 -12.23 -14.30 28.32
C PRO C 212 -13.42 -14.03 27.38
N GLY C 213 -14.08 -12.89 27.55
CA GLY C 213 -15.22 -12.55 26.70
C GLY C 213 -14.83 -11.90 25.37
N GLU C 214 -13.57 -12.00 24.95
CA GLU C 214 -13.16 -11.40 23.69
C GLU C 214 -12.75 -12.46 22.65
N CYS C 215 -12.99 -12.16 21.38
CA CYS C 215 -12.57 -13.03 20.27
C CYS C 215 -11.69 -12.27 19.30
N LEU C 216 -10.84 -13.02 18.61
CA LEU C 216 -10.02 -12.47 17.53
C LEU C 216 -10.91 -12.02 16.40
N LEU C 217 -10.61 -10.84 15.87
CA LEU C 217 -11.30 -10.31 14.69
C LEU C 217 -10.36 -10.40 13.50
N PHE C 218 -10.79 -11.08 12.43
CA PHE C 218 -9.94 -11.32 11.25
C PHE C 218 -10.40 -10.57 10.03
N PHE C 219 -9.46 -10.26 9.15
CA PHE C 219 -9.78 -9.81 7.80
C PHE C 219 -9.78 -11.05 6.91
N ARG C 220 -10.96 -11.43 6.43
CA ARG C 220 -11.13 -12.71 5.74
C ARG C 220 -11.23 -12.58 4.22
N SER C 221 -10.51 -13.44 3.51
CA SER C 221 -10.59 -13.54 2.05
C SER C 221 -10.92 -14.96 1.62
N PHE C 222 -11.79 -15.11 0.62
CA PHE C 222 -12.06 -16.45 0.12
C PHE C 222 -11.05 -16.76 -0.98
N ILE C 223 -10.44 -17.94 -0.90
CA ILE C 223 -9.34 -18.31 -1.77
C ILE C 223 -9.81 -19.29 -2.87
N PRO C 224 -9.41 -19.05 -4.13
CA PRO C 224 -9.85 -19.92 -5.25
C PRO C 224 -9.39 -21.38 -5.12
N LEU C 225 -10.13 -22.28 -5.77
CA LEU C 225 -9.79 -23.70 -5.78
C LEU C 225 -9.65 -24.20 -7.22
N LYS C 226 -8.63 -25.00 -7.48
CA LYS C 226 -8.44 -25.66 -8.78
C LYS C 226 -9.55 -26.69 -9.06
N GLY C 227 -10.01 -27.40 -8.02
CA GLY C 227 -11.02 -28.41 -8.19
C GLY C 227 -11.62 -28.86 -6.87
N GLY C 228 -12.63 -29.72 -6.94
CA GLY C 228 -13.23 -30.24 -5.74
C GLY C 228 -14.28 -29.31 -5.16
N TYR C 229 -14.59 -29.54 -3.88
CA TYR C 229 -15.71 -28.90 -3.22
C TYR C 229 -15.25 -28.08 -2.02
N GLY C 230 -15.94 -26.98 -1.76
CA GLY C 230 -15.64 -26.21 -0.56
C GLY C 230 -15.63 -24.73 -0.83
N ASN C 231 -15.58 -23.95 0.25
CA ASN C 231 -15.49 -22.50 0.18
C ASN C 231 -14.36 -22.05 1.11
N PRO C 232 -13.12 -22.48 0.83
CA PRO C 232 -12.04 -22.15 1.78
C PRO C 232 -11.71 -20.67 1.89
N ALA C 233 -11.21 -20.25 3.05
CA ALA C 233 -10.85 -18.87 3.29
C ALA C 233 -9.50 -18.77 3.96
N ILE C 234 -8.88 -17.60 3.80
CA ILE C 234 -7.66 -17.24 4.50
C ILE C 234 -7.93 -16.01 5.35
N ASP C 235 -7.67 -16.12 6.65
CA ASP C 235 -7.89 -15.04 7.61
C ASP C 235 -6.57 -14.37 7.99
N CYS C 236 -6.48 -13.04 7.84
CA CYS C 236 -5.25 -12.36 8.28
C CYS C 236 -5.54 -11.43 9.44
N LEU C 237 -4.51 -11.16 10.23
CA LEU C 237 -4.65 -10.33 11.45
C LEU C 237 -4.79 -8.86 11.08
N MET C 238 -4.03 -8.45 10.06
CA MET C 238 -4.13 -7.09 9.53
C MET C 238 -3.93 -7.14 8.01
N PRO C 239 -4.60 -6.25 7.27
CA PRO C 239 -4.44 -6.22 5.82
C PRO C 239 -3.03 -5.74 5.42
N GLN C 240 -2.62 -6.04 4.18
CA GLN C 240 -1.25 -5.70 3.77
C GLN C 240 -1.00 -4.19 3.83
N GLU C 241 -2.03 -3.38 3.57
CA GLU C 241 -1.88 -1.93 3.58
C GLU C 241 -1.58 -1.41 4.99
N TRP C 242 -2.09 -2.10 6.02
CA TRP C 242 -1.76 -1.71 7.41
C TRP C 242 -0.30 -2.03 7.70
N VAL C 243 0.16 -3.20 7.28
CA VAL C 243 1.58 -3.55 7.42
C VAL C 243 2.48 -2.49 6.75
N GLN C 244 2.14 -2.12 5.51
CA GLN C 244 2.91 -1.10 4.79
C GLN C 244 2.87 0.25 5.52
N HIS C 245 1.69 0.60 6.04
CA HIS C 245 1.53 1.88 6.74
C HIS C 245 2.35 1.93 8.05
N LEU C 246 2.18 0.92 8.89
CA LEU C 246 2.85 0.85 10.20
C LEU C 246 4.37 0.84 10.03
N TYR C 247 4.86 0.13 8.99
CA TYR C 247 6.28 0.04 8.74
C TYR C 247 6.91 1.39 8.49
N GLN C 248 6.21 2.20 7.69
CA GLN C 248 6.68 3.53 7.34
C GLN C 248 6.52 4.53 8.46
N GLU C 249 5.37 4.53 9.12
CA GLU C 249 5.11 5.47 10.22
C GLU C 249 6.04 5.22 11.41
N SER C 250 6.06 3.97 11.89
CA SER C 250 6.89 3.56 13.01
C SER C 250 6.64 4.46 14.22
N ALA C 251 5.37 4.73 14.49
CA ALA C 251 4.97 5.58 15.62
C ALA C 251 5.14 4.81 16.93
N PRO C 252 5.68 5.46 17.97
CA PRO C 252 5.80 4.77 19.26
C PRO C 252 4.42 4.33 19.84
N SER C 253 4.35 3.11 20.37
CA SER C 253 3.12 2.63 21.00
C SER C 253 3.07 3.13 22.44
N LEU C 254 2.00 3.84 22.82
CA LEU C 254 1.94 4.45 24.14
C LEU C 254 1.27 3.55 25.21
N SER C 255 0.64 2.46 24.77
CA SER C 255 0.12 1.44 25.69
C SER C 255 0.14 0.11 24.96
N ASP C 256 -0.37 -0.94 25.59
CA ASP C 256 -0.39 -2.28 24.97
C ASP C 256 -1.54 -2.45 23.99
N VAL C 257 -2.50 -1.53 24.02
CA VAL C 257 -3.69 -1.69 23.20
C VAL C 257 -4.24 -0.36 22.74
N ALA C 258 -4.50 -0.26 21.44
CA ALA C 258 -5.13 0.90 20.85
C ALA C 258 -6.63 0.65 20.67
N LEU C 259 -7.44 1.62 21.07
CA LEU C 259 -8.87 1.51 20.83
C LEU C 259 -9.20 2.01 19.42
N VAL C 260 -9.83 1.16 18.61
CA VAL C 260 -10.26 1.60 17.29
C VAL C 260 -11.78 1.46 17.12
N ARG C 261 -12.37 2.38 16.37
CA ARG C 261 -13.80 2.34 16.06
C ARG C 261 -14.02 2.15 14.55
N TYR C 262 -14.92 1.24 14.19
CA TYR C 262 -15.32 1.03 12.80
C TYR C 262 -16.41 2.04 12.49
N VAL C 263 -16.11 2.96 11.57
CA VAL C 263 -16.99 4.10 11.32
C VAL C 263 -17.60 4.10 9.93
N ASN C 264 -18.86 4.51 9.83
CA ASN C 264 -19.50 4.73 8.54
C ASN C 264 -19.15 6.14 8.07
N PRO C 265 -18.26 6.24 7.05
CA PRO C 265 -17.76 7.54 6.57
C PRO C 265 -18.87 8.43 6.03
N GLU C 266 -19.92 7.83 5.49
CA GLU C 266 -21.07 8.58 4.99
C GLU C 266 -21.82 9.25 6.14
N THR C 267 -22.18 8.47 7.16
CA THR C 267 -22.93 8.96 8.31
C THR C 267 -22.05 9.52 9.43
N GLY C 268 -20.81 9.02 9.54
CA GLY C 268 -19.91 9.47 10.58
C GLY C 268 -20.09 8.74 11.90
N ARG C 269 -21.09 7.87 11.96
CA ARG C 269 -21.40 7.15 13.19
C ARG C 269 -20.57 5.87 13.36
N THR C 270 -20.35 5.50 14.61
CA THR C 270 -19.62 4.31 14.99
C THR C 270 -20.49 3.07 14.89
N LEU C 271 -20.01 2.07 14.17
CA LEU C 271 -20.74 0.80 14.01
C LEU C 271 -20.38 -0.20 15.10
N PHE C 272 -19.09 -0.30 15.42
CA PHE C 272 -18.63 -1.09 16.55
C PHE C 272 -17.21 -0.67 16.96
N GLU C 273 -16.70 -1.22 18.08
CA GLU C 273 -15.36 -0.88 18.51
C GLU C 273 -14.54 -2.14 18.74
N ALA C 274 -13.22 -1.99 18.71
CA ALA C 274 -12.32 -3.13 18.83
C ALA C 274 -11.02 -2.68 19.48
N LYS C 275 -10.27 -3.63 19.99
CA LYS C 275 -8.94 -3.40 20.54
C LYS C 275 -7.90 -3.82 19.50
N LEU C 276 -7.00 -2.90 19.15
CA LEU C 276 -5.87 -3.23 18.29
C LEU C 276 -4.62 -3.36 19.17
N HIS C 277 -4.16 -4.59 19.36
CA HIS C 277 -3.09 -4.84 20.29
C HIS C 277 -1.73 -4.48 19.69
N ARG C 278 -0.79 -4.20 20.58
CA ARG C 278 0.56 -3.73 20.22
C ARG C 278 1.26 -4.69 19.25
N ASN C 279 0.98 -5.99 19.38
CA ASN C 279 1.66 -6.94 18.51
C ASN C 279 1.01 -7.07 17.13
N GLY C 280 -0.06 -6.32 16.90
CA GLY C 280 -0.65 -6.24 15.57
C GLY C 280 -1.77 -7.24 15.30
N PHE C 281 -2.83 -7.17 16.12
CA PHE C 281 -4.04 -7.96 15.91
C PHE C 281 -5.25 -7.35 16.64
N LEU C 282 -6.45 -7.73 16.19
CA LEU C 282 -7.69 -7.16 16.70
C LEU C 282 -8.50 -8.13 17.55
N THR C 283 -9.15 -7.60 18.61
CA THR C 283 -10.18 -8.34 19.32
C THR C 283 -11.48 -7.54 19.48
N VAL C 284 -12.59 -8.26 19.58
CA VAL C 284 -13.89 -7.67 19.77
C VAL C 284 -14.67 -8.47 20.84
N ALA C 285 -15.70 -7.89 21.42
CA ALA C 285 -16.64 -8.66 22.23
C ALA C 285 -17.84 -8.95 21.35
N ARG C 286 -17.97 -10.20 20.91
CA ARG C 286 -19.02 -10.57 19.98
C ARG C 286 -19.54 -11.97 20.33
N ASN C 287 -20.84 -12.14 20.43
CA ASN C 287 -21.34 -13.50 20.58
C ASN C 287 -21.80 -14.06 19.24
N SER C 288 -22.12 -13.17 18.29
CA SER C 288 -22.46 -13.61 16.94
C SER C 288 -21.29 -14.32 16.30
N ALA C 289 -21.58 -14.99 15.18
CA ALA C 289 -20.54 -15.75 14.52
C ALA C 289 -20.56 -15.50 13.02
N GLY C 290 -19.43 -15.81 12.37
CA GLY C 290 -19.31 -15.67 10.93
C GLY C 290 -18.99 -14.25 10.49
N PRO C 291 -19.34 -13.93 9.24
CA PRO C 291 -19.09 -12.59 8.69
C PRO C 291 -19.77 -11.50 9.49
N VAL C 292 -19.07 -10.39 9.69
CA VAL C 292 -19.64 -9.26 10.37
C VAL C 292 -20.57 -8.57 9.39
N VAL C 293 -21.79 -8.30 9.82
CA VAL C 293 -22.74 -7.56 8.99
C VAL C 293 -22.51 -6.06 9.22
N ALA C 294 -21.77 -5.46 8.28
CA ALA C 294 -21.44 -4.03 8.29
C ALA C 294 -21.10 -3.62 6.86
N PRO C 295 -21.25 -2.33 6.51
CA PRO C 295 -20.90 -1.90 5.14
C PRO C 295 -19.40 -2.01 4.83
N THR C 296 -19.07 -2.33 3.58
CA THR C 296 -17.68 -2.47 3.18
C THR C 296 -16.99 -1.13 2.97
N ASN C 297 -17.76 -0.05 3.00
CA ASN C 297 -17.18 1.29 2.89
C ASN C 297 -16.86 1.86 4.28
N GLY C 298 -16.99 1.04 5.32
CA GLY C 298 -16.56 1.45 6.65
C GLY C 298 -15.04 1.38 6.79
N TYR C 299 -14.51 2.06 7.79
CA TYR C 299 -13.08 1.98 8.06
C TYR C 299 -12.79 2.12 9.55
N PHE C 300 -11.64 1.60 9.98
CA PHE C 300 -11.22 1.71 11.36
C PHE C 300 -10.55 3.05 11.64
N ARG C 301 -10.98 3.70 12.72
CA ARG C 301 -10.41 4.97 13.14
C ARG C 301 -9.81 4.82 14.54
N PHE C 302 -8.54 5.22 14.69
CA PHE C 302 -7.85 5.17 15.98
C PHE C 302 -8.41 6.24 16.90
N ASP C 303 -8.86 5.86 18.09
N ASP C 303 -8.86 5.82 18.09
CA ASP C 303 -9.48 6.86 18.95
CA ASP C 303 -9.53 6.73 19.03
C ASP C 303 -8.64 7.19 20.20
C ASP C 303 -8.60 7.18 20.15
N SER C 304 -8.00 6.20 20.81
CA SER C 304 -7.09 6.47 21.92
C SER C 304 -6.31 5.22 22.34
N TRP C 305 -5.22 5.43 23.06
CA TRP C 305 -4.52 4.31 23.70
C TRP C 305 -5.27 3.90 24.97
N VAL C 306 -5.68 2.63 25.05
CA VAL C 306 -6.36 2.16 26.25
C VAL C 306 -5.54 1.05 26.92
N ASN C 307 -6.19 0.25 27.76
CA ASN C 307 -5.51 -0.85 28.43
C ASN C 307 -6.54 -1.91 28.76
N GLN C 308 -6.16 -2.88 29.61
CA GLN C 308 -7.02 -4.03 29.94
C GLN C 308 -8.29 -3.66 30.72
N PHE C 309 -8.33 -2.47 31.30
CA PHE C 309 -9.50 -2.10 32.07
C PHE C 309 -10.63 -1.55 31.20
N TYR C 310 -10.34 -1.30 29.93
CA TYR C 310 -11.37 -0.81 29.02
C TYR C 310 -12.16 -1.98 28.47
N THR C 311 -13.40 -2.11 28.92
CA THR C 311 -14.28 -3.18 28.48
C THR C 311 -14.87 -2.82 27.13
N LEU C 312 -14.76 -3.72 26.15
CA LEU C 312 -15.33 -3.47 24.83
C LEU C 312 -16.85 -3.63 24.82
N ALA C 313 -17.51 -2.74 24.09
CA ALA C 313 -18.95 -2.84 23.87
C ALA C 313 -19.27 -4.06 22.98
N PRO C 314 -20.28 -4.83 23.37
CA PRO C 314 -20.76 -5.97 22.58
C PRO C 314 -21.21 -5.52 21.19
N MET C 315 -20.85 -6.28 20.16
CA MET C 315 -21.27 -5.98 18.79
C MET C 315 -22.12 -7.13 18.20
N SER D 1 -1.98 24.71 4.31
CA SER D 1 -2.36 23.49 3.59
C SER D 1 -1.52 22.30 4.06
N LYS D 2 -2.09 21.10 4.00
CA LYS D 2 -1.34 19.89 4.33
C LYS D 2 -0.14 19.68 3.42
N PRO D 3 1.04 19.43 4.01
CA PRO D 3 2.28 19.26 3.23
C PRO D 3 2.25 18.05 2.32
N PHE D 4 2.76 18.21 1.10
CA PHE D 4 2.86 17.10 0.17
C PHE D 4 3.97 16.15 0.62
N THR D 5 3.72 14.84 0.53
CA THR D 5 4.73 13.84 0.86
C THR D 5 4.66 12.66 -0.12
N LEU D 6 5.74 11.89 -0.18
CA LEU D 6 5.76 10.60 -0.88
C LEU D 6 6.07 9.49 0.14
N PRO D 7 5.70 8.23 -0.17
CA PRO D 7 6.09 7.14 0.75
C PRO D 7 7.60 7.01 0.83
N ILE D 8 8.10 6.41 1.90
CA ILE D 8 9.53 6.18 2.02
C ILE D 8 9.89 4.73 1.62
N LEU D 9 9.05 4.10 0.80
CA LEU D 9 9.39 2.76 0.28
C LEU D 9 10.51 2.83 -0.78
N THR D 10 11.48 1.92 -0.69
CA THR D 10 12.57 1.85 -1.69
C THR D 10 12.09 1.14 -2.97
N LEU D 11 12.93 1.15 -4.00
CA LEU D 11 12.53 0.59 -5.30
C LEU D 11 12.23 -0.90 -5.20
N GLY D 12 12.98 -1.60 -4.37
CA GLY D 12 12.74 -3.01 -4.11
C GLY D 12 11.53 -3.25 -3.19
N GLU D 13 10.85 -2.17 -2.83
CA GLU D 13 9.66 -2.23 -1.98
C GLU D 13 8.44 -1.67 -2.70
N LEU D 14 8.51 -1.55 -4.04
CA LEU D 14 7.41 -1.02 -4.85
C LEU D 14 6.88 -2.03 -5.87
N THR D 15 5.61 -1.87 -6.25
CA THR D 15 5.00 -2.75 -7.24
C THR D 15 4.42 -1.93 -8.38
N ASN D 16 4.29 -2.58 -9.52
CA ASN D 16 3.79 -1.93 -10.73
C ASN D 16 2.29 -1.63 -10.59
N SER D 17 1.84 -0.52 -11.12
CA SER D 17 0.44 -0.17 -11.02
C SER D 17 -0.37 -0.58 -12.27
N ARG D 18 0.29 -1.19 -13.26
CA ARG D 18 -0.38 -1.57 -14.51
C ARG D 18 -0.47 -3.09 -14.70
N PHE D 19 0.30 -3.83 -13.89
CA PHE D 19 0.24 -5.30 -13.90
C PHE D 19 0.77 -5.78 -12.55
N PRO D 20 0.22 -6.89 -11.99
CA PRO D 20 0.70 -7.28 -10.65
C PRO D 20 2.14 -7.83 -10.62
N LEU D 21 3.11 -6.91 -10.61
CA LEU D 21 4.52 -7.25 -10.67
C LEU D 21 5.34 -6.33 -9.75
N PRO D 22 6.48 -6.82 -9.24
CA PRO D 22 7.36 -5.91 -8.49
C PRO D 22 8.04 -4.94 -9.45
N ILE D 23 8.42 -3.75 -8.99
CA ILE D 23 9.20 -2.87 -9.84
C ILE D 23 10.60 -3.45 -9.93
N ASP D 24 11.10 -3.65 -11.15
CA ASP D 24 12.42 -4.20 -11.35
C ASP D 24 13.50 -3.12 -11.51
N VAL D 25 13.27 -2.16 -12.43
CA VAL D 25 14.22 -1.08 -12.71
C VAL D 25 13.52 0.22 -13.05
N LEU D 26 14.24 1.32 -12.93
CA LEU D 26 13.86 2.62 -13.49
C LEU D 26 14.30 2.62 -14.98
N TYR D 27 13.60 3.33 -15.86
CA TYR D 27 13.80 3.22 -17.30
C TYR D 27 13.42 4.47 -18.07
N THR D 28 14.24 4.85 -19.07
CA THR D 28 13.85 5.87 -20.04
C THR D 28 14.17 5.37 -21.46
N ASN D 29 13.47 5.92 -22.43
CA ASN D 29 13.75 5.67 -23.84
C ASN D 29 13.53 6.90 -24.67
N PRO D 30 14.61 7.55 -25.12
CA PRO D 30 14.44 8.76 -25.93
C PRO D 30 13.95 8.44 -27.35
N ASN D 31 13.87 7.16 -27.70
CA ASN D 31 13.48 6.78 -29.06
C ASN D 31 12.00 6.41 -29.22
N GLU D 32 11.29 6.37 -28.11
CA GLU D 32 9.90 5.93 -28.14
C GLU D 32 9.01 7.07 -28.59
N SER D 33 8.24 6.86 -29.65
CA SER D 33 7.38 7.93 -30.15
C SER D 33 5.90 7.67 -29.92
N ALA D 34 5.55 6.57 -29.26
CA ALA D 34 4.16 6.34 -28.94
C ALA D 34 3.59 7.47 -28.09
N ILE D 35 2.28 7.69 -28.20
CA ILE D 35 1.57 8.53 -27.25
C ILE D 35 1.38 7.77 -25.95
N VAL D 36 1.91 8.30 -24.85
CA VAL D 36 1.83 7.63 -23.58
C VAL D 36 0.55 8.03 -22.86
N GLN D 37 -0.40 7.10 -22.78
CA GLN D 37 -1.71 7.38 -22.19
C GLN D 37 -2.32 6.17 -21.48
N CYS D 38 -1.54 5.54 -20.62
CA CYS D 38 -2.03 4.40 -19.85
C CYS D 38 -3.15 4.85 -18.90
N GLN D 39 -4.00 3.88 -18.49
CA GLN D 39 -5.21 4.21 -17.74
C GLN D 39 -5.20 3.65 -16.32
N ASN D 40 -4.36 2.66 -16.06
CA ASN D 40 -4.08 2.23 -14.70
C ASN D 40 -2.83 2.94 -14.18
N GLY D 41 -2.72 3.06 -12.87
CA GLY D 41 -1.65 3.82 -12.25
C GLY D 41 -1.74 5.30 -12.59
N ARG D 42 -2.95 5.82 -12.65
CA ARG D 42 -3.16 7.24 -12.92
C ARG D 42 -3.77 7.91 -11.70
N CYS D 43 -3.01 8.84 -11.12
CA CYS D 43 -3.46 9.58 -9.96
C CYS D 43 -2.75 10.93 -9.94
N THR D 44 -3.50 12.02 -9.73
CA THR D 44 -2.90 13.33 -9.59
C THR D 44 -2.20 13.47 -8.24
N LEU D 45 -1.31 14.43 -8.12
CA LEU D 45 -0.54 14.61 -6.90
C LEU D 45 -1.44 15.01 -5.74
N ASP D 46 -2.61 15.59 -6.03
CA ASP D 46 -3.51 15.92 -4.90
C ASP D 46 -4.58 14.82 -4.72
N GLY D 47 -4.32 13.64 -5.23
CA GLY D 47 -5.07 12.45 -4.87
C GLY D 47 -6.32 12.08 -5.66
N GLU D 48 -6.45 12.60 -6.87
CA GLU D 48 -7.58 12.25 -7.73
C GLU D 48 -7.26 11.06 -8.64
N LEU D 49 -7.94 9.94 -8.42
CA LEU D 49 -7.78 8.78 -9.30
C LEU D 49 -8.35 9.08 -10.69
N GLN D 50 -7.69 8.60 -11.73
CA GLN D 50 -8.15 8.82 -13.10
C GLN D 50 -8.14 7.52 -13.91
N GLY D 51 -8.72 7.56 -15.11
CA GLY D 51 -8.73 6.40 -15.99
C GLY D 51 -9.47 5.23 -15.38
N THR D 52 -8.86 4.04 -15.42
CA THR D 52 -9.50 2.86 -14.84
C THR D 52 -8.85 2.49 -13.51
N THR D 53 -8.16 3.47 -12.91
CA THR D 53 -7.33 3.20 -11.75
C THR D 53 -8.15 2.96 -10.48
N GLN D 54 -7.81 1.88 -9.80
CA GLN D 54 -8.39 1.60 -8.48
C GLN D 54 -7.26 1.22 -7.53
N LEU D 55 -7.58 1.09 -6.24
CA LEU D 55 -6.58 0.98 -5.18
C LEU D 55 -6.01 -0.40 -4.95
N LEU D 56 -6.75 -1.47 -5.28
CA LEU D 56 -6.29 -2.82 -4.95
C LEU D 56 -5.20 -3.33 -5.90
N PRO D 57 -4.04 -3.72 -5.34
CA PRO D 57 -3.04 -4.40 -6.19
C PRO D 57 -3.58 -5.70 -6.81
N THR D 58 -4.53 -6.35 -6.12
CA THR D 58 -5.18 -7.57 -6.64
C THR D 58 -6.21 -7.26 -7.74
N GLY D 59 -6.56 -5.98 -7.90
CA GLY D 59 -7.55 -5.58 -8.90
C GLY D 59 -6.99 -5.20 -10.26
N ILE D 60 -5.67 -5.06 -10.33
CA ILE D 60 -5.03 -4.64 -11.57
C ILE D 60 -5.07 -5.75 -12.60
N CYS D 61 -5.72 -5.48 -13.74
CA CYS D 61 -5.92 -6.47 -14.83
C CYS D 61 -6.76 -7.68 -14.37
N ALA D 62 -7.57 -7.48 -13.34
CA ALA D 62 -8.47 -8.51 -12.88
C ALA D 62 -9.87 -8.31 -13.46
N PHE D 63 -10.63 -9.40 -13.57
CA PHE D 63 -12.03 -9.36 -13.94
C PHE D 63 -12.84 -10.23 -12.99
N ARG D 64 -14.07 -9.81 -12.80
CA ARG D 64 -15.04 -10.59 -12.06
C ARG D 64 -16.36 -10.58 -12.82
N GLY D 65 -17.10 -11.70 -12.76
CA GLY D 65 -18.35 -11.77 -13.49
C GLY D 65 -18.87 -13.19 -13.60
N LYS D 66 -19.58 -13.48 -14.70
CA LYS D 66 -20.12 -14.82 -14.95
C LYS D 66 -20.08 -15.18 -16.43
N VAL D 67 -19.82 -16.44 -16.74
CA VAL D 67 -19.87 -16.92 -18.12
C VAL D 67 -21.32 -17.02 -18.61
N THR D 68 -21.59 -16.50 -19.80
CA THR D 68 -22.93 -16.62 -20.39
C THR D 68 -23.06 -17.84 -21.28
N GLN D 69 -22.05 -18.11 -22.10
CA GLN D 69 -22.08 -19.27 -23.01
C GLN D 69 -20.72 -19.54 -23.66
N GLN D 70 -20.58 -20.72 -24.24
CA GLN D 70 -19.45 -21.01 -25.11
C GLN D 70 -19.72 -20.32 -26.45
N VAL D 71 -18.67 -19.81 -27.10
CA VAL D 71 -18.83 -19.13 -28.37
C VAL D 71 -17.81 -19.60 -29.41
N GLN D 72 -18.01 -19.15 -30.65
CA GLN D 72 -17.08 -19.46 -31.75
C GLN D 72 -16.21 -18.25 -32.04
N ASP D 73 -14.93 -18.49 -32.36
CA ASP D 73 -14.01 -17.40 -32.64
C ASP D 73 -12.89 -17.86 -33.57
N GLU D 74 -12.26 -16.92 -34.25
CA GLU D 74 -11.16 -17.20 -35.17
C GLU D 74 -9.93 -17.75 -34.45
N HIS D 75 -9.69 -17.28 -33.22
CA HIS D 75 -8.53 -17.71 -32.46
C HIS D 75 -8.59 -19.22 -32.15
N ARG D 76 -7.43 -19.84 -31.97
CA ARG D 76 -7.36 -21.25 -31.62
C ARG D 76 -7.82 -21.47 -30.18
N GLY D 77 -8.44 -22.62 -29.93
CA GLY D 77 -8.91 -22.97 -28.60
C GLY D 77 -10.41 -22.98 -28.41
N THR D 78 -10.82 -23.02 -27.15
CA THR D 78 -12.22 -22.96 -26.75
C THR D 78 -12.53 -21.58 -26.19
N HIS D 79 -13.63 -20.98 -26.65
CA HIS D 79 -13.93 -19.59 -26.30
C HIS D 79 -15.21 -19.40 -25.50
N TRP D 80 -15.17 -18.44 -24.58
CA TRP D 80 -16.27 -18.23 -23.63
C TRP D 80 -16.64 -16.75 -23.51
N ASN D 81 -17.93 -16.46 -23.55
CA ASN D 81 -18.35 -15.10 -23.29
C ASN D 81 -18.61 -14.90 -21.80
N MET D 82 -18.18 -13.76 -21.27
CA MET D 82 -18.27 -13.49 -19.84
C MET D 82 -18.82 -12.08 -19.61
N THR D 83 -19.92 -11.96 -18.88
CA THR D 83 -20.34 -10.62 -18.45
C THR D 83 -19.47 -10.22 -17.27
N VAL D 84 -19.03 -8.96 -17.22
CA VAL D 84 -18.19 -8.50 -16.14
C VAL D 84 -18.96 -7.49 -15.29
N THR D 85 -18.70 -7.56 -13.99
CA THR D 85 -19.23 -6.61 -13.05
C THR D 85 -18.11 -5.70 -12.59
N ASN D 86 -18.42 -4.79 -11.67
CA ASN D 86 -17.39 -4.10 -10.94
C ASN D 86 -16.64 -5.12 -10.13
N LEU D 87 -15.41 -4.85 -9.75
CA LEU D 87 -14.65 -5.80 -8.95
C LEU D 87 -15.26 -6.04 -7.58
N ASN D 88 -16.06 -5.10 -7.06
CA ASN D 88 -16.71 -5.34 -5.75
C ASN D 88 -18.01 -6.14 -5.89
N GLY D 89 -18.30 -6.64 -7.08
CA GLY D 89 -19.45 -7.49 -7.29
C GLY D 89 -20.72 -6.75 -7.67
N THR D 90 -20.74 -5.43 -7.53
CA THR D 90 -21.91 -4.67 -7.95
C THR D 90 -21.99 -4.61 -9.47
N PRO D 91 -23.20 -4.51 -10.02
CA PRO D 91 -23.33 -4.45 -11.49
C PRO D 91 -22.62 -3.25 -12.10
N PHE D 92 -21.97 -3.44 -13.26
CA PHE D 92 -21.29 -2.34 -13.92
C PHE D 92 -22.29 -1.50 -14.71
N ASP D 93 -22.26 -0.20 -14.44
CA ASP D 93 -23.08 0.77 -15.15
C ASP D 93 -22.26 1.46 -16.26
N PRO D 94 -22.53 1.10 -17.51
CA PRO D 94 -21.79 1.68 -18.64
C PRO D 94 -21.96 3.20 -18.78
N THR D 95 -22.95 3.77 -18.09
CA THR D 95 -23.19 5.21 -18.18
C THR D 95 -22.37 6.01 -17.18
N GLU D 96 -21.68 5.33 -16.26
CA GLU D 96 -20.81 6.04 -15.33
C GLU D 96 -19.57 6.59 -16.08
N ASP D 97 -18.99 7.66 -15.54
CA ASP D 97 -17.93 8.39 -16.24
C ASP D 97 -16.55 7.76 -16.07
N VAL D 98 -16.44 6.50 -16.49
CA VAL D 98 -15.17 5.79 -16.48
C VAL D 98 -15.01 5.12 -17.84
N PRO D 99 -13.77 4.88 -18.26
CA PRO D 99 -13.49 4.24 -19.56
C PRO D 99 -13.97 2.80 -19.63
N ALA D 100 -13.96 2.13 -18.47
CA ALA D 100 -14.21 0.69 -18.34
C ALA D 100 -14.30 0.40 -16.86
N PRO D 101 -14.70 -0.83 -16.47
CA PRO D 101 -14.64 -1.14 -15.04
C PRO D 101 -13.22 -0.94 -14.52
N LEU D 102 -13.13 -0.44 -13.28
CA LEU D 102 -11.80 -0.15 -12.74
C LEU D 102 -10.98 -1.43 -12.66
N GLY D 103 -9.70 -1.35 -13.05
CA GLY D 103 -8.84 -2.51 -13.05
C GLY D 103 -8.69 -3.15 -14.42
N THR D 104 -9.59 -2.81 -15.35
CA THR D 104 -9.52 -3.33 -16.73
C THR D 104 -8.12 -3.11 -17.30
N PRO D 105 -7.57 -4.12 -18.01
CA PRO D 105 -6.26 -3.93 -18.64
C PRO D 105 -6.22 -2.70 -19.55
N ASP D 106 -5.09 -1.98 -19.59
CA ASP D 106 -5.02 -0.75 -20.38
C ASP D 106 -4.05 -0.87 -21.56
N PHE D 107 -3.82 -2.09 -22.03
CA PHE D 107 -2.93 -2.26 -23.20
C PHE D 107 -3.39 -3.40 -24.11
N SER D 108 -2.92 -3.32 -25.35
CA SER D 108 -3.22 -4.31 -26.38
C SER D 108 -2.30 -5.53 -26.21
N GLY D 109 -2.89 -6.73 -26.18
CA GLY D 109 -2.11 -7.95 -26.11
C GLY D 109 -2.97 -9.13 -25.68
N GLN D 110 -2.34 -10.30 -25.52
CA GLN D 110 -3.04 -11.48 -25.02
C GLN D 110 -2.68 -11.70 -23.57
N ILE D 111 -3.58 -11.32 -22.66
CA ILE D 111 -3.28 -11.44 -21.25
C ILE D 111 -3.50 -12.88 -20.81
N TYR D 112 -2.48 -13.49 -20.22
CA TYR D 112 -2.53 -14.87 -19.71
C TYR D 112 -2.78 -14.91 -18.20
N GLY D 113 -3.65 -15.81 -17.77
CA GLY D 113 -4.02 -15.91 -16.38
C GLY D 113 -4.80 -17.17 -16.07
N VAL D 114 -5.44 -17.20 -14.90
CA VAL D 114 -6.27 -18.31 -14.50
C VAL D 114 -7.71 -17.86 -14.27
N ILE D 115 -8.63 -18.55 -14.92
CA ILE D 115 -10.07 -18.39 -14.69
C ILE D 115 -10.48 -19.41 -13.61
N SER D 116 -11.06 -18.93 -12.51
CA SER D 116 -11.49 -19.85 -11.47
C SER D 116 -12.94 -19.57 -11.14
N GLN D 117 -13.67 -20.60 -10.72
CA GLN D 117 -15.10 -20.49 -10.45
C GLN D 117 -15.45 -21.18 -9.14
N ARG D 118 -16.43 -20.62 -8.42
CA ARG D 118 -17.02 -21.23 -7.24
C ARG D 118 -18.56 -21.13 -7.36
N ASN D 119 -19.23 -22.29 -7.48
CA ASN D 119 -20.67 -22.28 -7.72
C ASN D 119 -21.48 -21.66 -6.59
N THR D 120 -22.61 -21.03 -6.94
CA THR D 120 -23.50 -20.40 -5.96
C THR D 120 -24.26 -21.45 -5.19
N ASN D 121 -24.68 -21.11 -3.97
CA ASN D 121 -25.40 -22.04 -3.11
C ASN D 121 -26.86 -22.18 -3.53
N ASN D 128 -20.50 -23.85 3.05
CA ASN D 128 -21.10 -25.04 2.45
C ASN D 128 -20.05 -25.76 1.60
N LEU D 129 -20.50 -26.67 0.73
CA LEU D 129 -19.58 -27.39 -0.14
C LEU D 129 -19.86 -27.25 -1.64
N PRO D 130 -19.77 -26.02 -2.17
CA PRO D 130 -19.97 -25.82 -3.62
C PRO D 130 -18.84 -26.40 -4.48
N ALA D 131 -19.15 -26.71 -5.75
CA ALA D 131 -18.15 -27.23 -6.69
C ALA D 131 -17.27 -26.12 -7.21
N ASN D 132 -16.01 -26.45 -7.48
CA ASN D 132 -15.01 -25.50 -7.97
C ASN D 132 -14.26 -25.98 -9.22
N ARG D 133 -13.79 -25.04 -10.04
CA ARG D 133 -12.84 -25.36 -11.10
C ARG D 133 -11.98 -24.15 -11.43
N ALA D 134 -10.76 -24.41 -11.87
CA ALA D 134 -9.91 -23.36 -12.42
C ALA D 134 -9.14 -23.89 -13.63
N HIS D 135 -8.96 -23.00 -14.61
CA HIS D 135 -8.21 -23.34 -15.82
C HIS D 135 -7.40 -22.13 -16.33
N GLU D 136 -6.30 -22.42 -17.01
CA GLU D 136 -5.54 -21.39 -17.70
C GLU D 136 -6.44 -20.71 -18.73
N ALA D 137 -6.29 -19.40 -18.90
CA ALA D 137 -7.12 -18.67 -19.85
C ALA D 137 -6.37 -17.49 -20.45
N VAL D 138 -6.82 -17.08 -21.65
CA VAL D 138 -6.25 -15.93 -22.35
C VAL D 138 -7.34 -14.92 -22.71
N ILE D 139 -7.08 -13.64 -22.45
CA ILE D 139 -7.95 -12.55 -22.88
C ILE D 139 -7.22 -11.66 -23.91
N ALA D 140 -7.74 -11.63 -25.12
CA ALA D 140 -7.18 -10.80 -26.19
C ALA D 140 -7.81 -9.42 -26.15
N THR D 141 -7.09 -8.44 -25.63
CA THR D 141 -7.67 -7.11 -25.43
C THR D 141 -7.86 -6.33 -26.73
N TYR D 142 -7.27 -6.80 -27.82
CA TYR D 142 -7.41 -6.18 -29.13
C TYR D 142 -8.62 -6.72 -29.88
N SER D 143 -9.25 -7.76 -29.34
CA SER D 143 -10.38 -8.41 -30.01
C SER D 143 -11.62 -7.52 -30.06
N PRO D 144 -12.38 -7.61 -31.15
CA PRO D 144 -13.66 -6.90 -31.20
C PRO D 144 -14.65 -7.41 -30.13
N LYS D 145 -14.37 -8.58 -29.56
CA LYS D 145 -15.22 -9.12 -28.49
C LYS D 145 -14.77 -8.61 -27.12
N PHE D 146 -13.68 -7.85 -27.09
CA PHE D 146 -13.23 -7.26 -25.84
C PHE D 146 -13.98 -5.95 -25.62
N THR D 147 -15.11 -6.04 -24.92
CA THR D 147 -15.95 -4.86 -24.72
C THR D 147 -16.31 -4.63 -23.26
N PRO D 148 -15.31 -4.46 -22.38
CA PRO D 148 -15.60 -4.31 -20.96
C PRO D 148 -16.48 -3.09 -20.62
N LYS D 149 -16.37 -2.01 -21.37
CA LYS D 149 -17.22 -0.84 -21.11
C LYS D 149 -18.68 -1.17 -21.41
N LEU D 150 -18.90 -2.16 -22.28
CA LEU D 150 -20.27 -2.61 -22.59
C LEU D 150 -20.69 -3.74 -21.66
N GLY D 151 -19.85 -4.08 -20.68
CA GLY D 151 -20.19 -5.08 -19.67
C GLY D 151 -19.97 -6.53 -20.11
N ASN D 152 -19.21 -6.74 -21.18
CA ASN D 152 -18.97 -8.09 -21.72
C ASN D 152 -17.57 -8.28 -22.30
N ILE D 153 -16.91 -9.40 -21.97
CA ILE D 153 -15.62 -9.74 -22.58
C ILE D 153 -15.61 -11.21 -22.98
N GLN D 154 -14.57 -11.61 -23.70
CA GLN D 154 -14.42 -12.99 -24.12
C GLN D 154 -13.05 -13.52 -23.70
N PHE D 155 -13.01 -14.77 -23.23
CA PHE D 155 -11.74 -15.44 -22.93
C PHE D 155 -11.68 -16.82 -23.56
N SER D 156 -10.46 -17.33 -23.75
CA SER D 156 -10.30 -18.66 -24.33
C SER D 156 -9.48 -19.56 -23.40
N THR D 157 -9.72 -20.86 -23.49
CA THR D 157 -9.00 -21.81 -22.66
C THR D 157 -8.41 -22.92 -23.53
N TRP D 158 -7.37 -23.58 -23.03
CA TRP D 158 -6.94 -24.85 -23.63
C TRP D 158 -8.00 -25.90 -23.28
N GLU D 159 -8.49 -25.85 -22.05
CA GLU D 159 -9.55 -26.76 -21.58
C GLU D 159 -10.78 -26.61 -22.48
N THR D 160 -11.30 -27.74 -22.93
CA THR D 160 -12.37 -27.74 -23.93
C THR D 160 -13.81 -27.63 -23.36
N GLN D 161 -14.08 -28.23 -22.21
CA GLN D 161 -15.46 -28.29 -21.73
C GLN D 161 -15.74 -27.81 -20.31
N ASP D 162 -14.76 -27.95 -19.40
CA ASP D 162 -14.99 -27.81 -17.95
C ASP D 162 -15.05 -26.33 -17.50
N VAL D 163 -15.95 -25.55 -18.09
CA VAL D 163 -16.19 -24.18 -17.66
C VAL D 163 -17.70 -24.01 -17.51
N SER D 164 -18.15 -23.59 -16.32
CA SER D 164 -19.58 -23.48 -16.06
C SER D 164 -20.14 -22.10 -16.37
N SER D 165 -21.37 -22.08 -16.87
CA SER D 165 -22.07 -20.82 -17.10
C SER D 165 -22.95 -20.45 -15.91
N GLY D 166 -23.18 -19.15 -15.75
CA GLY D 166 -24.05 -18.65 -14.68
C GLY D 166 -23.50 -18.89 -13.29
N GLN D 167 -22.18 -18.95 -13.18
CA GLN D 167 -21.50 -19.13 -11.89
C GLN D 167 -20.41 -18.05 -11.65
N PRO D 168 -20.20 -17.62 -10.39
CA PRO D 168 -19.20 -16.59 -10.09
C PRO D 168 -17.83 -16.99 -10.64
N THR D 169 -17.22 -16.05 -11.38
CA THR D 169 -16.03 -16.31 -12.15
C THR D 169 -15.01 -15.21 -11.87
N LYS D 170 -13.77 -15.60 -11.65
CA LYS D 170 -12.68 -14.70 -11.31
C LYS D 170 -11.56 -14.87 -12.34
N PHE D 171 -10.99 -13.76 -12.82
CA PHE D 171 -9.76 -13.84 -13.65
C PHE D 171 -8.56 -13.32 -12.86
N THR D 172 -7.59 -14.21 -12.62
CA THR D 172 -6.35 -13.82 -11.95
C THR D 172 -5.24 -13.67 -13.00
N PRO D 173 -4.77 -12.43 -13.24
CA PRO D 173 -3.74 -12.26 -14.27
C PRO D 173 -2.40 -12.80 -13.82
N VAL D 174 -1.63 -13.37 -14.75
CA VAL D 174 -0.30 -13.91 -14.48
C VAL D 174 0.78 -13.33 -15.41
N GLY D 175 0.45 -13.14 -16.68
CA GLY D 175 1.43 -12.60 -17.63
C GLY D 175 0.82 -12.41 -19.01
N LEU D 176 1.63 -12.63 -20.05
CA LEU D 176 1.18 -12.57 -21.44
C LEU D 176 1.17 -13.96 -22.02
N ALA D 177 0.24 -14.24 -22.93
CA ALA D 177 0.22 -15.55 -23.59
C ALA D 177 1.36 -15.68 -24.59
N SER D 178 1.65 -14.57 -25.25
CA SER D 178 2.57 -14.52 -26.40
C SER D 178 2.95 -13.07 -26.68
N VAL D 179 4.05 -12.87 -27.38
CA VAL D 179 4.34 -11.54 -27.93
C VAL D 179 4.64 -11.66 -29.43
N ASP D 180 4.17 -12.73 -30.05
CA ASP D 180 4.40 -12.82 -31.50
C ASP D 180 3.51 -11.79 -32.21
N ALA D 181 3.76 -11.60 -33.50
CA ALA D 181 3.10 -10.54 -34.26
C ALA D 181 1.57 -10.65 -34.21
N ASN D 182 1.04 -11.86 -34.20
CA ASN D 182 -0.39 -12.01 -34.22
C ASN D 182 -1.02 -11.88 -32.84
N SER D 183 -0.21 -11.65 -31.82
CA SER D 183 -0.71 -11.50 -30.45
C SER D 183 -0.85 -10.00 -30.13
N HIS D 184 -0.31 -9.15 -31.01
CA HIS D 184 -0.52 -7.70 -30.96
C HIS D 184 -0.23 -7.04 -29.61
N PHE D 185 0.91 -7.37 -29.03
CA PHE D 185 1.33 -6.72 -27.79
C PHE D 185 1.88 -5.32 -28.05
N ASP D 186 1.25 -4.32 -27.46
CA ASP D 186 1.78 -2.95 -27.48
C ASP D 186 1.32 -2.28 -26.21
N GLN D 187 2.25 -2.07 -25.28
CA GLN D 187 1.87 -1.57 -23.98
C GLN D 187 1.31 -0.14 -24.05
N TRP D 188 1.51 0.57 -25.17
CA TRP D 188 0.99 1.94 -25.32
C TRP D 188 -0.21 2.07 -26.23
N THR D 189 -0.74 0.95 -26.75
CA THR D 189 -1.96 1.02 -27.53
C THR D 189 -3.13 0.63 -26.61
N LEU D 190 -4.06 1.53 -26.40
CA LEU D 190 -5.20 1.28 -25.54
C LEU D 190 -6.15 0.29 -26.21
N PRO D 191 -6.83 -0.56 -25.42
CA PRO D 191 -7.90 -1.33 -26.02
C PRO D 191 -9.05 -0.40 -26.42
N SER D 192 -9.90 -0.84 -27.34
CA SER D 192 -11.18 -0.18 -27.57
C SER D 192 -12.20 -0.74 -26.58
N TYR D 193 -12.39 -0.03 -25.47
CA TYR D 193 -13.18 -0.55 -24.36
C TYR D 193 -14.64 -0.88 -24.75
N SER D 194 -15.17 -0.23 -25.78
CA SER D 194 -16.53 -0.57 -26.25
C SER D 194 -16.56 -1.26 -27.60
N GLY D 195 -15.41 -1.74 -28.08
CA GLY D 195 -15.43 -2.48 -29.35
C GLY D 195 -15.37 -1.58 -30.57
N ALA D 196 -15.78 -2.15 -31.70
CA ALA D 196 -15.63 -1.50 -32.99
C ALA D 196 -16.49 -0.24 -33.10
N LEU D 197 -16.02 0.70 -33.92
CA LEU D 197 -16.73 1.95 -34.20
C LEU D 197 -17.09 2.81 -32.99
N THR D 198 -16.25 2.78 -31.96
CA THR D 198 -16.53 3.57 -30.75
C THR D 198 -15.29 4.33 -30.29
N LEU D 199 -15.51 5.39 -29.53
CA LEU D 199 -14.39 6.15 -28.97
C LEU D 199 -14.27 5.91 -27.47
N ASN D 200 -13.05 5.76 -26.98
CA ASN D 200 -12.84 5.60 -25.56
C ASN D 200 -13.24 6.88 -24.81
N MET D 201 -13.82 6.72 -23.62
CA MET D 201 -14.37 7.84 -22.87
C MET D 201 -13.70 8.05 -21.53
N ASN D 202 -13.73 9.29 -21.04
CA ASN D 202 -13.25 9.60 -19.69
C ASN D 202 -11.82 9.18 -19.47
N LEU D 203 -11.02 9.19 -20.53
CA LEU D 203 -9.64 8.74 -20.42
C LEU D 203 -8.82 9.71 -19.60
N ALA D 204 -7.88 9.17 -18.84
CA ALA D 204 -6.83 9.98 -18.25
C ALA D 204 -5.99 10.55 -19.38
N PRO D 205 -5.54 11.80 -19.23
CA PRO D 205 -4.84 12.41 -20.37
C PRO D 205 -3.49 11.76 -20.67
N SER D 206 -3.03 11.94 -21.90
CA SER D 206 -1.68 11.55 -22.30
C SER D 206 -0.68 12.42 -21.55
N VAL D 207 0.53 11.90 -21.37
CA VAL D 207 1.59 12.59 -20.64
C VAL D 207 2.86 12.73 -21.51
N ALA D 208 3.57 13.84 -21.34
CA ALA D 208 4.81 14.08 -22.06
C ALA D 208 5.67 15.13 -21.36
N PRO D 209 6.98 15.10 -21.61
CA PRO D 209 7.80 16.19 -21.07
C PRO D 209 7.36 17.51 -21.71
N VAL D 210 7.30 18.59 -20.94
CA VAL D 210 7.01 19.89 -21.53
C VAL D 210 8.24 20.40 -22.26
N PHE D 211 9.42 20.12 -21.70
CA PHE D 211 10.68 20.56 -22.25
C PHE D 211 11.39 19.58 -23.18
N PRO D 212 12.05 20.13 -24.21
CA PRO D 212 12.97 19.33 -25.01
C PRO D 212 14.17 19.01 -24.13
N GLY D 213 14.72 17.82 -24.25
CA GLY D 213 15.84 17.42 -23.41
C GLY D 213 15.43 16.85 -22.06
N GLU D 214 14.13 16.63 -21.89
CA GLU D 214 13.66 15.87 -20.72
C GLU D 214 12.98 14.63 -21.28
N CYS D 215 13.09 13.51 -20.57
CA CYS D 215 12.42 12.27 -20.96
C CYS D 215 11.51 11.79 -19.83
N LEU D 216 10.46 11.07 -20.19
CA LEU D 216 9.61 10.40 -19.20
C LEU D 216 10.48 9.35 -18.50
N LEU D 217 10.34 9.25 -17.19
CA LEU D 217 11.02 8.24 -16.37
C LEU D 217 9.98 7.22 -15.93
N PHE D 218 10.20 5.95 -16.23
CA PHE D 218 9.23 4.90 -15.95
C PHE D 218 9.70 3.98 -14.82
N PHE D 219 8.72 3.42 -14.11
CA PHE D 219 8.93 2.28 -13.23
C PHE D 219 8.63 1.01 -14.04
N ARG D 220 9.66 0.24 -14.35
CA ARG D 220 9.55 -0.88 -15.28
C ARG D 220 9.52 -2.25 -14.57
N SER D 221 8.62 -3.14 -15.01
CA SER D 221 8.58 -4.53 -14.53
C SER D 221 8.65 -5.51 -15.70
N PHE D 222 9.37 -6.61 -15.53
CA PHE D 222 9.36 -7.61 -16.61
C PHE D 222 8.21 -8.59 -16.38
N ILE D 223 7.42 -8.83 -17.44
CA ILE D 223 6.19 -9.60 -17.33
C ILE D 223 6.36 -11.03 -17.89
N PRO D 224 5.87 -12.06 -17.16
CA PRO D 224 6.03 -13.46 -17.59
C PRO D 224 5.31 -13.78 -18.90
N LEU D 225 5.79 -14.83 -19.58
CA LEU D 225 5.24 -15.30 -20.83
C LEU D 225 4.88 -16.78 -20.74
N LYS D 226 3.73 -17.15 -21.25
CA LYS D 226 3.36 -18.56 -21.34
C LYS D 226 4.25 -19.35 -22.30
N GLY D 227 4.65 -18.71 -23.40
CA GLY D 227 5.49 -19.38 -24.40
C GLY D 227 6.10 -18.37 -25.36
N GLY D 228 6.95 -18.85 -26.25
CA GLY D 228 7.57 -18.01 -27.27
C GLY D 228 8.85 -17.31 -26.78
N TYR D 229 9.27 -16.29 -27.52
CA TYR D 229 10.56 -15.67 -27.29
C TYR D 229 10.38 -14.21 -26.96
N GLY D 230 11.22 -13.73 -26.05
CA GLY D 230 11.21 -12.31 -25.77
C GLY D 230 11.34 -12.01 -24.30
N ASN D 231 11.54 -10.73 -24.00
CA ASN D 231 11.65 -10.26 -22.64
C ASN D 231 10.75 -9.04 -22.41
N PRO D 232 9.41 -9.22 -22.50
CA PRO D 232 8.48 -8.09 -22.47
C PRO D 232 8.44 -7.39 -21.13
N ALA D 233 8.16 -6.09 -21.15
CA ALA D 233 8.10 -5.29 -19.94
C ALA D 233 6.85 -4.42 -19.95
N ILE D 234 6.41 -4.03 -18.75
CA ILE D 234 5.34 -3.07 -18.58
C ILE D 234 5.87 -1.88 -17.81
N ASP D 235 5.73 -0.69 -18.38
CA ASP D 235 6.22 0.57 -17.80
C ASP D 235 5.06 1.35 -17.18
N CYS D 236 5.16 1.69 -15.89
CA CYS D 236 4.09 2.47 -15.27
C CYS D 236 4.62 3.85 -14.85
N LEU D 237 3.71 4.81 -14.75
CA LEU D 237 4.08 6.21 -14.46
C LEU D 237 4.42 6.42 -13.00
N MET D 238 3.64 5.75 -12.13
CA MET D 238 3.88 5.72 -10.70
C MET D 238 3.56 4.34 -10.15
N PRO D 239 4.32 3.86 -9.15
CA PRO D 239 4.02 2.54 -8.59
C PRO D 239 2.69 2.55 -7.84
N GLN D 240 2.08 1.38 -7.61
CA GLN D 240 0.77 1.33 -6.98
C GLN D 240 0.76 1.93 -5.57
N GLU D 241 1.86 1.80 -4.84
CA GLU D 241 1.94 2.36 -3.48
C GLU D 241 1.88 3.91 -3.47
N TRP D 242 2.37 4.55 -4.52
CA TRP D 242 2.24 6.01 -4.66
C TRP D 242 0.79 6.40 -4.91
N VAL D 243 0.12 5.64 -5.76
CA VAL D 243 -1.31 5.83 -5.99
C VAL D 243 -2.08 5.75 -4.67
N GLN D 244 -1.81 4.71 -3.87
CA GLN D 244 -2.49 4.53 -2.59
C GLN D 244 -2.14 5.67 -1.63
N HIS D 245 -0.88 6.08 -1.60
CA HIS D 245 -0.46 7.14 -0.69
C HIS D 245 -1.10 8.48 -1.09
N LEU D 246 -0.99 8.86 -2.35
CA LEU D 246 -1.54 10.14 -2.81
C LEU D 246 -3.06 10.23 -2.59
N TYR D 247 -3.76 9.13 -2.85
CA TYR D 247 -5.21 9.09 -2.73
C TYR D 247 -5.66 9.40 -1.29
N GLN D 248 -4.91 8.85 -0.34
CA GLN D 248 -5.22 9.08 1.06
C GLN D 248 -4.84 10.47 1.55
N GLU D 249 -3.63 10.89 1.19
CA GLU D 249 -3.11 12.18 1.63
C GLU D 249 -3.92 13.35 1.07
N SER D 250 -4.12 13.35 -0.25
CA SER D 250 -4.90 14.40 -0.91
C SER D 250 -4.39 15.80 -0.53
N ALA D 251 -3.07 15.96 -0.57
CA ALA D 251 -2.46 17.25 -0.25
C ALA D 251 -2.61 18.21 -1.43
N PRO D 252 -2.94 19.47 -1.15
CA PRO D 252 -3.04 20.43 -2.26
C PRO D 252 -1.72 20.55 -3.04
N SER D 253 -1.80 20.57 -4.36
CA SER D 253 -0.60 20.77 -5.17
C SER D 253 -0.33 22.27 -5.31
N LEU D 254 0.86 22.71 -4.91
CA LEU D 254 1.15 24.14 -4.84
C LEU D 254 1.79 24.69 -6.13
N SER D 255 2.17 23.80 -7.03
CA SER D 255 2.61 24.19 -8.37
C SER D 255 2.31 23.05 -9.34
N ASP D 256 2.70 23.20 -10.60
CA ASP D 256 2.46 22.17 -11.60
C ASP D 256 3.47 21.03 -11.52
N VAL D 257 4.54 21.24 -10.76
CA VAL D 257 5.59 20.24 -10.72
C VAL D 257 6.34 20.24 -9.37
N ALA D 258 6.49 19.03 -8.81
CA ALA D 258 7.26 18.81 -7.58
C ALA D 258 8.69 18.34 -7.87
N LEU D 259 9.68 18.94 -7.21
CA LEU D 259 11.05 18.48 -7.36
C LEU D 259 11.29 17.31 -6.40
N VAL D 260 11.73 16.17 -6.94
CA VAL D 260 12.04 15.02 -6.12
C VAL D 260 13.50 14.61 -6.32
N ARG D 261 14.12 14.12 -5.26
CA ARG D 261 15.51 13.64 -5.32
C ARG D 261 15.57 12.15 -5.00
N TYR D 262 16.29 11.39 -5.82
CA TYR D 262 16.50 9.97 -5.57
C TYR D 262 17.68 9.83 -4.62
N VAL D 263 17.41 9.33 -3.42
CA VAL D 263 18.40 9.35 -2.34
C VAL D 263 18.85 7.95 -1.93
N ASN D 264 20.14 7.81 -1.67
CA ASN D 264 20.69 6.59 -1.09
C ASN D 264 20.64 6.68 0.44
N PRO D 265 19.72 5.91 1.08
CA PRO D 265 19.50 5.99 2.52
C PRO D 265 20.73 5.63 3.35
N GLU D 266 21.58 4.76 2.81
CA GLU D 266 22.82 4.36 3.50
C GLU D 266 23.79 5.54 3.61
N THR D 267 24.08 6.19 2.48
CA THR D 267 25.02 7.32 2.47
C THR D 267 24.33 8.65 2.78
N GLY D 268 23.04 8.74 2.48
CA GLY D 268 22.24 9.94 2.70
C GLY D 268 22.33 10.91 1.53
N ARG D 269 23.19 10.58 0.56
CA ARG D 269 23.47 11.47 -0.57
C ARG D 269 22.48 11.29 -1.72
N THR D 270 22.35 12.37 -2.50
CA THR D 270 21.46 12.40 -3.65
C THR D 270 22.14 11.79 -4.87
N LEU D 271 21.46 10.84 -5.50
CA LEU D 271 21.96 10.16 -6.70
C LEU D 271 21.59 10.90 -7.99
N PHE D 272 20.34 11.36 -8.08
CA PHE D 272 19.89 12.20 -9.17
C PHE D 272 18.60 12.90 -8.76
N GLU D 273 18.10 13.79 -9.60
CA GLU D 273 16.88 14.50 -9.29
C GLU D 273 15.91 14.38 -10.44
N ALA D 274 14.63 14.61 -10.17
CA ALA D 274 13.58 14.45 -11.15
C ALA D 274 12.42 15.41 -10.90
N LYS D 275 11.62 15.64 -11.93
CA LYS D 275 10.36 16.41 -11.77
C LYS D 275 9.16 15.46 -11.68
N LEU D 276 8.38 15.59 -10.61
CA LEU D 276 7.13 14.85 -10.48
C LEU D 276 5.98 15.80 -10.82
N HIS D 277 5.37 15.61 -11.99
CA HIS D 277 4.38 16.56 -12.46
C HIS D 277 3.03 16.34 -11.80
N ARG D 278 2.23 17.39 -11.75
CA ARG D 278 0.94 17.40 -11.03
C ARG D 278 -0.03 16.31 -11.46
N ASN D 279 -0.05 15.99 -12.73
CA ASN D 279 -0.97 14.95 -13.18
C ASN D 279 -0.44 13.53 -13.00
N GLY D 280 0.73 13.41 -12.37
CA GLY D 280 1.20 12.13 -11.85
C GLY D 280 2.15 11.34 -12.71
N PHE D 281 3.29 11.97 -13.04
CA PHE D 281 4.36 11.29 -13.80
C PHE D 281 5.71 11.99 -13.62
N LEU D 282 6.79 11.28 -13.95
CA LEU D 282 8.15 11.79 -13.72
C LEU D 282 8.84 12.13 -15.04
N THR D 283 9.66 13.20 -15.02
CA THR D 283 10.60 13.45 -16.10
C THR D 283 11.99 13.68 -15.53
N VAL D 284 13.00 13.36 -16.34
CA VAL D 284 14.40 13.56 -16.01
C VAL D 284 15.19 14.09 -17.19
N ALA D 285 16.34 14.69 -16.88
CA ALA D 285 17.36 15.04 -17.87
C ALA D 285 18.43 13.96 -17.82
N ARG D 286 18.70 13.28 -18.93
CA ARG D 286 19.63 12.15 -18.88
C ARG D 286 20.57 12.06 -20.08
N ASN D 287 21.85 11.87 -19.80
CA ASN D 287 22.87 11.62 -20.84
C ASN D 287 23.10 10.13 -21.03
N SER D 288 22.03 9.36 -21.01
CA SER D 288 22.07 7.91 -21.22
C SER D 288 20.64 7.44 -21.52
N ALA D 289 20.48 6.17 -21.87
CA ALA D 289 19.16 5.62 -22.20
C ALA D 289 18.99 4.21 -21.66
N GLY D 290 17.76 3.72 -21.62
CA GLY D 290 17.49 2.38 -21.15
C GLY D 290 17.36 2.29 -19.64
N PRO D 291 17.67 1.10 -19.05
CA PRO D 291 17.56 0.95 -17.59
C PRO D 291 18.50 1.91 -16.85
N VAL D 292 18.02 2.48 -15.77
CA VAL D 292 18.83 3.34 -14.93
C VAL D 292 19.73 2.51 -14.02
N VAL D 293 21.02 2.83 -14.01
CA VAL D 293 21.95 2.14 -13.10
C VAL D 293 21.96 2.88 -11.76
N ALA D 294 21.26 2.33 -10.77
CA ALA D 294 21.18 2.93 -9.46
C ALA D 294 20.80 1.84 -8.43
N PRO D 295 21.13 2.05 -7.15
CA PRO D 295 20.80 1.03 -6.14
C PRO D 295 19.29 0.87 -5.95
N THR D 296 18.83 -0.37 -5.74
CA THR D 296 17.41 -0.62 -5.58
C THR D 296 16.92 -0.24 -4.18
N ASN D 297 17.84 0.10 -3.28
CA ASN D 297 17.46 0.55 -1.94
C ASN D 297 17.32 2.08 -1.88
N GLY D 298 17.45 2.76 -3.01
CA GLY D 298 17.22 4.19 -3.08
C GLY D 298 15.73 4.48 -3.06
N TYR D 299 15.36 5.71 -2.71
CA TYR D 299 13.96 6.15 -2.72
C TYR D 299 13.84 7.63 -3.11
N PHE D 300 12.66 8.01 -3.61
CA PHE D 300 12.39 9.40 -3.96
C PHE D 300 11.97 10.22 -2.75
N ARG D 301 12.60 11.37 -2.59
CA ARG D 301 12.29 12.29 -1.50
C ARG D 301 11.80 13.61 -2.09
N PHE D 302 10.64 14.06 -1.63
CA PHE D 302 10.11 15.33 -2.08
C PHE D 302 10.93 16.48 -1.48
N ASP D 303 11.41 17.38 -2.32
N ASP D 303 11.43 17.34 -2.34
CA ASP D 303 12.23 18.45 -1.77
CA ASP D 303 12.26 18.46 -1.91
C ASP D 303 11.56 19.83 -1.84
C ASP D 303 11.48 19.77 -1.82
N SER D 304 10.87 20.16 -2.93
CA SER D 304 10.12 21.43 -3.01
C SER D 304 9.22 21.52 -4.24
N TRP D 305 8.26 22.44 -4.21
CA TRP D 305 7.47 22.74 -5.40
C TRP D 305 8.26 23.67 -6.30
N VAL D 306 8.49 23.27 -7.54
CA VAL D 306 9.20 24.14 -8.47
C VAL D 306 8.32 24.48 -9.68
N ASN D 307 8.96 24.89 -10.78
CA ASN D 307 8.22 25.20 -11.99
C ASN D 307 9.11 25.03 -13.24
N GLN D 308 8.64 25.53 -14.37
CA GLN D 308 9.32 25.35 -15.64
C GLN D 308 10.71 26.03 -15.69
N PHE D 309 10.98 26.95 -14.78
CA PHE D 309 12.26 27.64 -14.80
C PHE D 309 13.37 26.86 -14.10
N TYR D 310 13.00 25.77 -13.42
CA TYR D 310 13.99 24.92 -12.77
C TYR D 310 14.56 23.90 -13.75
N THR D 311 15.82 24.09 -14.16
CA THR D 311 16.49 23.18 -15.07
C THR D 311 16.98 21.95 -14.29
N LEU D 312 16.63 20.75 -14.78
CA LEU D 312 17.09 19.51 -14.12
C LEU D 312 18.57 19.21 -14.43
N ALA D 313 19.29 18.77 -13.42
CA ALA D 313 20.65 18.28 -13.60
C ALA D 313 20.62 16.93 -14.32
N PRO D 314 21.50 16.72 -15.31
CA PRO D 314 21.58 15.41 -15.99
C PRO D 314 21.87 14.25 -15.03
N MET D 315 21.21 13.11 -15.22
CA MET D 315 21.44 11.95 -14.35
C MET D 315 22.86 11.39 -14.54
C1 EDO E . 8.77 34.22 1.70
O1 EDO E . 9.70 35.08 1.05
C2 EDO E . 8.87 34.43 3.21
O2 EDO E . 8.63 35.81 3.52
C1 EDO F . -11.13 -7.24 49.61
O1 EDO F . -10.14 -6.25 49.91
C2 EDO F . -12.27 -7.15 50.62
O2 EDO F . -12.64 -5.78 50.78
C1 EDO G . -16.47 8.10 22.34
O1 EDO G . -15.11 8.38 21.96
C2 EDO G . -16.50 7.67 23.81
O2 EDO G . -15.45 6.72 24.04
C1 EDO H . 10.29 -9.87 8.76
O1 EDO H . 10.69 -8.96 7.74
C2 EDO H . 11.54 -10.33 9.50
O2 EDO H . 11.15 -11.26 10.52
C1 EDO I . 13.62 -8.83 -0.39
O1 EDO I . 14.18 -10.00 -1.01
C2 EDO I . 12.85 -9.25 0.86
O2 EDO I . 11.72 -10.07 0.53
C1 EDO J . -1.69 -8.58 -5.99
O1 EDO J . -0.29 -8.33 -5.83
C2 EDO J . -1.81 -9.95 -6.66
O2 EDO J . -0.49 -10.28 -7.13
C1 EDO K . -1.62 3.49 3.82
O1 EDO K . -0.43 4.28 3.94
C2 EDO K . -1.48 2.52 2.67
O2 EDO K . -0.45 1.59 3.00
C1 EDO L . -15.97 -30.19 -8.82
O1 EDO L . -15.98 -29.30 -9.94
C2 EDO L . -14.92 -31.28 -9.04
O2 EDO L . -13.65 -30.64 -9.26
C1 EDO M . 10.32 -11.92 -16.24
O1 EDO M . 11.58 -12.49 -15.89
C2 EDO M . 9.19 -12.65 -15.51
O2 EDO M . 9.54 -12.80 -14.14
C1 EDO N . 7.32 -10.80 -6.79
O1 EDO N . 7.48 -9.80 -5.77
C2 EDO N . 8.00 -12.10 -6.37
O2 EDO N . 7.93 -13.07 -7.43
C1 EDO O . -0.12 -32.51 -10.92
O1 EDO O . -0.92 -33.62 -10.46
C2 EDO O . -0.06 -31.46 -9.83
O2 EDO O . 0.10 -32.10 -8.55
C1 EDO P . -4.80 -29.53 -15.34
O1 EDO P . -4.89 -28.47 -16.29
C2 EDO P . -6.03 -30.41 -15.47
O2 EDO P . -7.19 -29.57 -15.37
C1 EDO Q . -23.25 -16.59 6.82
O1 EDO Q . -22.31 -16.68 5.74
C2 EDO Q . -23.10 -17.78 7.76
O2 EDO Q . -21.78 -17.81 8.34
C1 EDO R . -9.00 -18.82 15.78
O1 EDO R . -9.80 -19.80 15.10
C2 EDO R . -9.79 -18.13 16.87
O2 EDO R . -10.93 -17.50 16.28
C1 EDO S . -22.06 -7.98 14.42
O1 EDO S . -22.44 -9.12 15.21
C2 EDO S . -22.86 -7.93 13.13
O2 EDO S . -22.71 -9.17 12.41
C1 EDO T . -19.02 -6.83 5.46
O1 EDO T . -18.29 -6.92 4.23
C2 EDO T . -18.10 -6.52 6.64
O2 EDO T . -17.63 -7.74 7.19
C1 EDO U . 6.05 10.07 8.29
O1 EDO U . 4.64 10.32 8.42
C2 EDO U . 6.27 8.68 7.71
O2 EDO U . 7.64 8.28 7.92
C1 EDO V . 1.11 -23.67 14.01
O1 EDO V . 1.84 -24.89 13.79
C2 EDO V . 0.75 -23.47 15.48
O2 EDO V . 1.73 -22.64 16.12
C1 EDO W . 10.03 -21.21 -26.45
O1 EDO W . 10.23 -22.09 -25.32
C2 EDO W . 8.73 -21.58 -27.16
O2 EDO W . 7.69 -21.70 -26.18
C1 EDO X . -13.91 -0.43 -7.48
O1 EDO X . -12.94 -1.19 -8.19
C2 EDO X . -14.83 -1.38 -6.69
O2 EDO X . -15.68 -2.08 -7.61
C1 EDO Y . -10.33 -8.94 -8.10
O1 EDO Y . -10.44 -10.26 -8.63
C2 EDO Y . -9.45 -8.99 -6.86
O2 EDO Y . -9.30 -7.67 -6.28
C1 EDO Z . -11.30 7.26 -12.34
O1 EDO Z . -12.66 7.18 -11.91
C2 EDO Z . -10.52 6.12 -11.70
O2 EDO Z . -10.98 5.80 -10.37
C1 EDO AA . 11.63 -4.57 4.46
O1 EDO AA . 11.66 -4.31 3.05
C2 EDO AA . 12.00 -6.03 4.71
O2 EDO AA . 13.34 -6.27 4.24
C1 EDO BA . 1.48 4.31 1.39
O1 EDO BA . 2.54 4.85 2.19
C2 EDO BA . 2.00 3.29 0.38
O2 EDO BA . 2.64 2.21 1.06
C1 EDO CA . -6.37 -21.81 -26.13
O1 EDO CA . -5.26 -21.99 -27.01
C2 EDO CA . -6.12 -20.59 -25.27
O2 EDO CA . -5.72 -19.52 -26.14
C1 EDO DA . -13.68 -17.48 -3.85
O1 EDO DA . -14.89 -17.03 -4.45
C2 EDO DA . -12.53 -17.41 -4.84
O2 EDO DA . -12.31 -16.05 -5.24
C1 EDO EA . 18.52 -2.77 -22.95
O1 EDO EA . 19.94 -2.64 -22.69
C2 EDO EA . 17.95 -1.41 -23.34
O2 EDO EA . 16.53 -1.47 -23.35
C1 EDO FA . -0.52 -25.86 -22.96
O1 EDO FA . 0.78 -25.93 -22.36
C2 EDO FA . -1.47 -25.19 -21.97
O2 EDO FA . -1.23 -25.70 -20.66
C1 EDO GA . 13.32 -6.98 -7.31
O1 EDO GA . 14.04 -6.32 -6.26
C2 EDO GA . 11.90 -6.47 -7.36
O2 EDO GA . 11.23 -6.69 -6.10
C1 EDO HA . 22.67 7.24 -15.46
O1 EDO HA . 21.78 7.56 -16.53
C2 EDO HA . 22.23 5.95 -14.78
O2 EDO HA . 22.14 4.90 -15.75
C1 EDO IA . 19.57 21.47 -3.52
O1 EDO IA . 18.61 22.21 -4.27
C2 EDO IA . 19.20 21.49 -2.03
O2 EDO IA . 17.82 21.14 -1.89
C1 EDO JA . -1.90 7.72 4.32
O1 EDO JA . -2.03 8.54 5.48
C2 EDO JA . -0.43 7.46 4.06
O2 EDO JA . -0.32 6.46 3.05
C1 EDO KA . -15.07 -14.20 -7.62
O1 EDO KA . -16.36 -13.88 -8.16
C2 EDO KA . -14.38 -12.91 -7.18
O2 EDO KA . -13.15 -13.23 -6.53
C1 EDO LA . -9.84 11.18 0.22
O1 EDO LA . -10.80 10.91 -0.83
C2 EDO LA . -9.48 9.85 0.87
O2 EDO LA . -10.68 9.11 1.10
C1 EDO MA . -10.40 -21.83 -34.44
O1 EDO MA . -9.59 -23.00 -34.46
C2 EDO MA . -11.59 -22.07 -33.50
O2 EDO MA . -11.10 -22.43 -32.20
C1 EDO NA . -20.42 -5.81 -30.30
O1 EDO NA . -19.98 -6.36 -29.05
C2 EDO NA . -20.32 -4.29 -30.20
O2 EDO NA . -18.95 -3.88 -30.24
C1 EDO OA . 19.79 -2.26 -12.62
O1 EDO OA . 20.16 -1.46 -13.74
C2 EDO OA . 19.72 -1.39 -11.37
O2 EDO OA . 21.02 -0.86 -11.11
C1 EDO PA . 21.63 16.38 -8.78
O1 EDO PA . 22.81 17.19 -8.77
C2 EDO PA . 20.65 16.96 -7.77
O2 EDO PA . 21.30 17.01 -6.49
C1 EDO QA . 11.72 -10.02 -12.55
O1 EDO QA . 12.70 -10.38 -13.51
C2 EDO QA . 12.34 -10.13 -11.16
O2 EDO QA . 11.45 -9.53 -10.22
#